data_1TA9
#
_entry.id   1TA9
#
_cell.length_a   105.980
_cell.length_b   105.980
_cell.length_c   140.630
_cell.angle_alpha   90.00
_cell.angle_beta   90.00
_cell.angle_gamma   90.00
#
_symmetry.space_group_name_H-M   'I 4'
#
loop_
_entity.id
_entity.type
_entity.pdbx_description
1 polymer 'glycerol dehydrogenase'
2 non-polymer 'ZINC ION'
3 non-polymer 'POTASSIUM ION'
4 non-polymer ALANINE
5 non-polymer GLYCEROL
6 water water
#
_entity_poly.entity_id   1
_entity_poly.type   'polypeptide(L)'
_entity_poly.pdbx_seq_one_letter_code
;MIGPRLCAATPRFPLVSLAHRNSKVFALASSNAVAQRWGKRFYAPIETETPHKVGVEFEESKDRIFTSPQKYVQGRHAFT
RSYMYVKKWATKSAVVLADQNVWNICANKIVDSLSQNGMTVTKLVFGGEASLVELDKLRKQCPDDTQVIIGVGGGKTMDS
AKYIAHSMNLPSIICPTTASSDAATSSLSVIYTPDGQFQKYSFYPLNPNLIFIDTDVIVRAPVRFLISGIGDALSTWVET
ESVIRSNSTSFAGGVASIAGRYIARACKDTLEKYALSAILSNTRGVCTEAFENVVEANTLMSGLGFENGGLAAAHAIHNG
MTAIHGPVHRLMHGEKVAYGTLVQVVLEDWPLEDFNNLASFMAKCHLPITLEELGIPNVTDEELLMVGRATLRPDESIHN
MSKKFNPSQIADAIKAVDSYSQKWQEQTGWTERFRLPPSRHSPHLTDIHP
;
_entity_poly.pdbx_strand_id   A,B
#
# COMPACT_ATOMS: atom_id res chain seq x y z
N PHE A 58 -4.44 -17.39 12.06
CA PHE A 58 -4.92 -15.98 12.13
C PHE A 58 -4.75 -15.40 13.54
N GLU A 59 -4.19 -14.21 13.62
CA GLU A 59 -3.97 -13.54 14.90
C GLU A 59 -4.71 -12.20 14.90
N GLU A 60 -5.65 -12.05 15.82
CA GLU A 60 -6.43 -10.82 15.92
C GLU A 60 -5.78 -9.79 16.83
N SER A 61 -5.95 -8.52 16.50
CA SER A 61 -5.38 -7.42 17.27
C SER A 61 -6.31 -6.21 17.29
N LYS A 62 -6.06 -5.30 18.23
CA LYS A 62 -6.86 -4.09 18.39
C LYS A 62 -6.16 -2.91 17.72
N ASP A 63 -4.98 -3.15 17.19
CA ASP A 63 -4.22 -2.11 16.52
C ASP A 63 -4.70 -1.96 15.07
N ARG A 64 -4.38 -0.83 14.46
CA ARG A 64 -4.75 -0.55 13.08
C ARG A 64 -3.60 -1.12 12.25
N ILE A 65 -3.90 -2.08 11.38
CA ILE A 65 -2.85 -2.74 10.61
C ILE A 65 -3.00 -2.72 9.09
N PHE A 66 -1.90 -2.44 8.40
CA PHE A 66 -1.86 -2.44 6.93
C PHE A 66 -0.76 -3.43 6.54
N THR A 67 -1.06 -4.29 5.58
CA THR A 67 -0.11 -5.30 5.15
C THR A 67 0.02 -5.27 3.63
N SER A 68 1.18 -5.67 3.12
CA SER A 68 1.41 -5.65 1.68
C SER A 68 2.73 -6.30 1.26
N PRO A 69 2.84 -6.69 -0.02
CA PRO A 69 4.09 -7.30 -0.51
C PRO A 69 5.09 -6.14 -0.44
N GLN A 70 6.37 -6.44 -0.53
CA GLN A 70 7.38 -5.38 -0.49
C GLN A 70 7.41 -4.62 -1.81
N LYS A 71 7.19 -5.36 -2.90
CA LYS A 71 7.22 -4.76 -4.24
C LYS A 71 6.17 -5.40 -5.14
N TYR A 72 5.61 -4.58 -6.03
CA TYR A 72 4.65 -5.03 -7.03
C TYR A 72 5.20 -4.42 -8.32
N VAL A 73 5.54 -5.27 -9.28
CA VAL A 73 6.11 -4.81 -10.55
C VAL A 73 5.29 -5.36 -11.71
N GLN A 74 4.83 -4.47 -12.58
CA GLN A 74 3.99 -4.82 -13.72
C GLN A 74 4.45 -4.10 -15.00
N GLY A 75 4.67 -4.85 -16.08
CA GLY A 75 5.09 -4.23 -17.33
C GLY A 75 5.17 -5.23 -18.47
N ARG A 76 5.11 -4.73 -19.71
CA ARG A 76 5.17 -5.62 -20.86
C ARG A 76 6.60 -6.12 -21.08
N HIS A 77 6.75 -7.44 -21.11
CA HIS A 77 8.06 -8.08 -21.29
C HIS A 77 8.91 -7.96 -20.03
N ALA A 78 8.26 -7.72 -18.89
CA ALA A 78 8.96 -7.58 -17.62
C ALA A 78 9.86 -8.76 -17.29
N PHE A 79 9.48 -9.97 -17.71
CA PHE A 79 10.30 -11.13 -17.42
C PHE A 79 11.72 -11.01 -17.98
N THR A 80 11.88 -10.23 -19.05
CA THR A 80 13.19 -10.06 -19.65
C THR A 80 14.06 -9.15 -18.77
N ARG A 81 13.44 -8.58 -17.75
CA ARG A 81 14.12 -7.69 -16.81
C ARG A 81 14.05 -8.30 -15.40
N SER A 82 13.89 -9.61 -15.34
CA SER A 82 13.78 -10.29 -14.04
C SER A 82 14.87 -9.96 -13.04
N TYR A 83 16.12 -10.09 -13.46
CA TYR A 83 17.22 -9.85 -12.54
C TYR A 83 17.20 -8.51 -11.81
N MET A 84 16.95 -7.40 -12.51
CA MET A 84 16.96 -6.10 -11.84
C MET A 84 16.04 -6.06 -10.63
N TYR A 85 15.03 -6.93 -10.62
CA TYR A 85 14.09 -6.99 -9.49
C TYR A 85 14.43 -8.12 -8.55
N VAL A 86 14.73 -9.30 -9.10
CA VAL A 86 15.07 -10.45 -8.28
C VAL A 86 16.32 -10.22 -7.42
N LYS A 87 17.27 -9.46 -7.95
CA LYS A 87 18.52 -9.21 -7.23
C LYS A 87 18.31 -8.58 -5.86
N LYS A 88 17.14 -8.00 -5.63
CA LYS A 88 16.86 -7.38 -4.33
C LYS A 88 16.75 -8.43 -3.23
N TRP A 89 16.55 -9.69 -3.62
CA TRP A 89 16.43 -10.78 -2.67
C TRP A 89 17.45 -11.89 -2.88
N ALA A 90 17.98 -11.99 -4.10
CA ALA A 90 18.94 -13.04 -4.41
C ALA A 90 19.79 -12.73 -5.63
N THR A 91 21.10 -12.92 -5.49
CA THR A 91 22.01 -12.66 -6.61
C THR A 91 22.84 -13.90 -6.93
N LYS A 92 22.65 -14.96 -6.15
CA LYS A 92 23.42 -16.19 -6.36
C LYS A 92 22.63 -17.42 -6.78
N SER A 93 21.54 -17.72 -6.07
CA SER A 93 20.76 -18.91 -6.39
C SER A 93 19.27 -18.73 -6.20
N ALA A 94 18.50 -19.18 -7.18
CA ALA A 94 17.05 -19.08 -7.11
C ALA A 94 16.38 -20.32 -7.67
N VAL A 95 15.20 -20.62 -7.15
CA VAL A 95 14.41 -21.74 -7.63
C VAL A 95 13.26 -21.16 -8.44
N VAL A 96 12.98 -21.72 -9.60
CA VAL A 96 11.85 -21.27 -10.40
C VAL A 96 10.93 -22.48 -10.52
N LEU A 97 9.72 -22.33 -9.99
CA LEU A 97 8.72 -23.39 -10.01
C LEU A 97 7.59 -23.06 -10.97
N ALA A 98 7.28 -24.00 -11.87
CA ALA A 98 6.19 -23.81 -12.84
C ALA A 98 5.77 -25.17 -13.39
N ASP A 99 4.51 -25.30 -13.81
CA ASP A 99 4.09 -26.58 -14.37
C ASP A 99 4.69 -26.67 -15.77
N GLN A 100 4.68 -27.86 -16.37
CA GLN A 100 5.29 -28.01 -17.69
C GLN A 100 4.74 -27.05 -18.74
N ASN A 101 3.43 -26.77 -18.71
CA ASN A 101 2.86 -25.86 -19.68
C ASN A 101 3.49 -24.47 -19.59
N VAL A 102 3.62 -23.96 -18.36
CA VAL A 102 4.21 -22.64 -18.17
C VAL A 102 5.68 -22.65 -18.58
N TRP A 103 6.37 -23.77 -18.34
CA TRP A 103 7.77 -23.87 -18.75
C TRP A 103 7.84 -23.78 -20.27
N ASN A 104 6.92 -24.46 -20.95
CA ASN A 104 6.89 -24.47 -22.40
C ASN A 104 6.62 -23.08 -22.98
N ILE A 105 5.77 -22.33 -22.28
CA ILE A 105 5.35 -21.02 -22.77
C ILE A 105 6.10 -19.74 -22.34
N CYS A 106 6.49 -19.63 -21.06
CA CYS A 106 7.17 -18.38 -20.67
C CYS A 106 8.19 -18.39 -19.54
N ALA A 107 8.21 -19.42 -18.70
CA ALA A 107 9.14 -19.46 -17.56
C ALA A 107 10.63 -19.32 -17.89
N ASN A 108 11.04 -19.76 -19.07
CA ASN A 108 12.46 -19.66 -19.43
C ASN A 108 12.94 -18.23 -19.61
N LYS A 109 12.02 -17.30 -19.84
CA LYS A 109 12.39 -15.90 -20.00
C LYS A 109 12.99 -15.40 -18.69
N ILE A 110 12.41 -15.86 -17.59
CA ILE A 110 12.90 -15.48 -16.26
C ILE A 110 14.25 -16.15 -16.03
N VAL A 111 14.34 -17.44 -16.34
CA VAL A 111 15.58 -18.17 -16.16
C VAL A 111 16.73 -17.54 -16.93
N ASP A 112 16.47 -17.21 -18.19
CA ASP A 112 17.48 -16.59 -19.05
C ASP A 112 18.03 -15.30 -18.46
N SER A 113 17.14 -14.46 -17.93
CA SER A 113 17.55 -13.20 -17.33
C SER A 113 18.46 -13.43 -16.13
N LEU A 114 18.08 -14.36 -15.28
CA LEU A 114 18.87 -14.65 -14.09
C LEU A 114 20.22 -15.27 -14.43
N SER A 115 20.23 -16.19 -15.38
CA SER A 115 21.48 -16.85 -15.78
C SER A 115 22.44 -15.89 -16.46
N GLN A 116 21.92 -15.00 -17.30
CA GLN A 116 22.74 -14.03 -18.00
C GLN A 116 23.38 -13.07 -17.00
N ASN A 117 22.86 -13.08 -15.77
CA ASN A 117 23.39 -12.22 -14.72
C ASN A 117 24.12 -13.00 -13.63
N GLY A 118 24.70 -14.14 -14.02
CA GLY A 118 25.48 -14.96 -13.12
C GLY A 118 24.81 -15.84 -12.08
N MET A 119 23.49 -15.92 -12.10
CA MET A 119 22.79 -16.74 -11.10
C MET A 119 22.65 -18.21 -11.45
N THR A 120 22.58 -19.03 -10.41
CA THR A 120 22.36 -20.46 -10.58
C THR A 120 20.84 -20.57 -10.44
N VAL A 121 20.19 -21.22 -11.39
CA VAL A 121 18.74 -21.35 -11.31
C VAL A 121 18.31 -22.80 -11.27
N THR A 122 17.63 -23.18 -10.19
CA THR A 122 17.13 -24.54 -10.05
C THR A 122 15.73 -24.54 -10.64
N LYS A 123 15.55 -25.26 -11.75
CA LYS A 123 14.26 -25.31 -12.41
C LYS A 123 13.46 -26.52 -11.96
N LEU A 124 12.33 -26.27 -11.30
CA LEU A 124 11.47 -27.33 -10.81
C LEU A 124 10.14 -27.35 -11.54
N VAL A 125 9.66 -28.56 -11.86
CA VAL A 125 8.38 -28.72 -12.54
C VAL A 125 7.29 -29.05 -11.54
N PHE A 126 6.28 -28.19 -11.46
CA PHE A 126 5.17 -28.39 -10.55
C PHE A 126 4.28 -29.50 -11.12
N GLY A 127 4.00 -30.50 -10.29
CA GLY A 127 3.18 -31.63 -10.73
C GLY A 127 1.74 -31.30 -11.07
N GLY A 128 1.24 -30.18 -10.55
CA GLY A 128 -0.13 -29.80 -10.83
C GLY A 128 -1.06 -29.99 -9.64
N GLU A 129 -0.55 -30.64 -8.60
CA GLU A 129 -1.35 -30.89 -7.40
C GLU A 129 -0.64 -30.30 -6.18
N ALA A 130 -1.24 -29.26 -5.61
CA ALA A 130 -0.68 -28.61 -4.43
C ALA A 130 -1.02 -29.38 -3.16
N SER A 131 -0.47 -30.59 -3.05
CA SER A 131 -0.70 -31.43 -1.88
C SER A 131 0.55 -31.39 -1.01
N LEU A 132 0.38 -31.59 0.29
CA LEU A 132 1.50 -31.57 1.21
C LEU A 132 2.59 -32.56 0.81
N VAL A 133 2.20 -33.73 0.32
CA VAL A 133 3.18 -34.73 -0.09
C VAL A 133 4.00 -34.23 -1.26
N GLU A 134 3.33 -33.66 -2.27
CA GLU A 134 3.99 -33.15 -3.45
C GLU A 134 4.85 -31.93 -3.14
N LEU A 135 4.40 -31.11 -2.19
CA LEU A 135 5.14 -29.91 -1.80
C LEU A 135 6.43 -30.28 -1.08
N ASP A 136 6.37 -31.31 -0.24
CA ASP A 136 7.53 -31.75 0.50
C ASP A 136 8.59 -32.25 -0.48
N LYS A 137 8.15 -32.94 -1.52
CA LYS A 137 9.06 -33.48 -2.53
C LYS A 137 9.77 -32.35 -3.29
N LEU A 138 9.05 -31.26 -3.53
CA LEU A 138 9.63 -30.12 -4.25
C LEU A 138 10.66 -29.43 -3.36
N ARG A 139 10.33 -29.27 -2.09
CA ARG A 139 11.25 -28.63 -1.15
C ARG A 139 12.56 -29.39 -1.11
N LYS A 140 12.47 -30.71 -1.15
CA LYS A 140 13.66 -31.56 -1.10
C LYS A 140 14.51 -31.44 -2.36
N GLN A 141 13.99 -30.79 -3.39
CA GLN A 141 14.74 -30.60 -4.62
C GLN A 141 15.39 -29.22 -4.67
N CYS A 142 15.12 -28.42 -3.64
CA CYS A 142 15.69 -27.07 -3.58
C CYS A 142 17.07 -27.10 -2.95
N PRO A 143 18.10 -26.63 -3.67
CA PRO A 143 19.46 -26.62 -3.15
C PRO A 143 19.54 -25.92 -1.79
N ASP A 144 20.49 -26.35 -0.98
CA ASP A 144 20.68 -25.79 0.34
C ASP A 144 20.93 -24.29 0.33
N ASP A 145 21.59 -23.79 -0.71
CA ASP A 145 21.89 -22.36 -0.79
C ASP A 145 20.86 -21.55 -1.58
N THR A 146 19.65 -22.08 -1.70
CA THR A 146 18.59 -21.37 -2.41
C THR A 146 18.28 -20.09 -1.64
N GLN A 147 18.20 -18.97 -2.34
CA GLN A 147 17.93 -17.69 -1.70
C GLN A 147 16.49 -17.19 -1.82
N VAL A 148 15.78 -17.69 -2.82
CA VAL A 148 14.40 -17.26 -3.05
C VAL A 148 13.64 -18.32 -3.83
N ILE A 149 12.33 -18.36 -3.63
CA ILE A 149 11.48 -19.29 -4.36
C ILE A 149 10.63 -18.46 -5.32
N ILE A 150 10.73 -18.76 -6.61
CA ILE A 150 9.98 -18.03 -7.61
C ILE A 150 8.91 -18.94 -8.23
N GLY A 151 7.64 -18.56 -8.06
CA GLY A 151 6.54 -19.32 -8.60
C GLY A 151 5.94 -18.65 -9.83
N VAL A 152 5.80 -19.40 -10.91
CA VAL A 152 5.25 -18.84 -12.15
C VAL A 152 4.05 -19.65 -12.64
N GLY A 153 2.89 -19.01 -12.75
CA GLY A 153 1.72 -19.72 -13.22
C GLY A 153 0.43 -19.34 -12.52
N GLY A 154 -0.47 -20.32 -12.39
CA GLY A 154 -1.75 -20.09 -11.76
C GLY A 154 -1.74 -20.23 -10.24
N GLY A 155 -2.94 -20.19 -9.66
CA GLY A 155 -3.10 -20.28 -8.22
C GLY A 155 -2.44 -21.43 -7.48
N LYS A 156 -2.51 -22.65 -8.04
CA LYS A 156 -1.90 -23.78 -7.37
C LYS A 156 -0.38 -23.66 -7.32
N THR A 157 0.20 -23.16 -8.40
CA THR A 157 1.64 -22.97 -8.46
C THR A 157 2.05 -21.88 -7.49
N MET A 158 1.30 -20.77 -7.50
CA MET A 158 1.60 -19.65 -6.61
C MET A 158 1.48 -20.06 -5.15
N ASP A 159 0.41 -20.77 -4.80
CA ASP A 159 0.25 -21.21 -3.42
C ASP A 159 1.35 -22.20 -3.03
N SER A 160 1.80 -23.00 -3.99
CA SER A 160 2.87 -23.97 -3.72
C SER A 160 4.17 -23.22 -3.43
N ALA A 161 4.44 -22.18 -4.20
CA ALA A 161 5.66 -21.38 -4.00
C ALA A 161 5.65 -20.73 -2.61
N LYS A 162 4.51 -20.16 -2.23
CA LYS A 162 4.38 -19.51 -0.94
C LYS A 162 4.61 -20.51 0.18
N TYR A 163 4.03 -21.70 0.03
CA TYR A 163 4.18 -22.75 1.04
C TYR A 163 5.64 -23.17 1.21
N ILE A 164 6.31 -23.45 0.09
CA ILE A 164 7.70 -23.88 0.12
C ILE A 164 8.61 -22.77 0.64
N ALA A 165 8.35 -21.54 0.22
CA ALA A 165 9.15 -20.41 0.68
C ALA A 165 8.98 -20.26 2.19
N HIS A 166 7.75 -20.36 2.66
CA HIS A 166 7.48 -20.25 4.09
C HIS A 166 8.17 -21.36 4.87
N SER A 167 8.09 -22.58 4.36
CA SER A 167 8.71 -23.73 5.00
C SER A 167 10.24 -23.60 5.11
N MET A 168 10.85 -22.98 4.11
CA MET A 168 12.31 -22.81 4.11
C MET A 168 12.75 -21.47 4.68
N ASN A 169 11.81 -20.67 5.17
CA ASN A 169 12.12 -19.35 5.71
C ASN A 169 12.84 -18.52 4.66
N LEU A 170 12.30 -18.51 3.44
CA LEU A 170 12.89 -17.76 2.34
C LEU A 170 11.88 -16.80 1.73
N PRO A 171 12.36 -15.74 1.08
CA PRO A 171 11.44 -14.78 0.47
C PRO A 171 10.83 -15.46 -0.75
N SER A 172 9.70 -14.93 -1.22
CA SER A 172 9.02 -15.51 -2.36
C SER A 172 8.72 -14.46 -3.43
N ILE A 173 8.71 -14.89 -4.68
CA ILE A 173 8.41 -14.02 -5.80
C ILE A 173 7.28 -14.73 -6.55
N ILE A 174 6.15 -14.05 -6.66
CA ILE A 174 4.96 -14.61 -7.29
C ILE A 174 4.71 -13.99 -8.66
N CYS A 175 4.70 -14.82 -9.70
CA CYS A 175 4.53 -14.35 -11.07
C CYS A 175 3.29 -14.97 -11.75
N PRO A 176 2.14 -14.30 -11.63
CA PRO A 176 0.91 -14.81 -12.24
C PRO A 176 1.00 -14.76 -13.76
N THR A 177 0.44 -15.77 -14.43
CA THR A 177 0.46 -15.82 -15.88
C THR A 177 -0.88 -15.36 -16.48
N THR A 178 -1.84 -15.06 -15.61
CA THR A 178 -3.14 -14.53 -16.04
C THR A 178 -3.59 -13.58 -14.94
N ALA A 179 -4.55 -12.71 -15.26
CA ALA A 179 -5.06 -11.76 -14.28
C ALA A 179 -6.48 -12.19 -13.89
N SER A 180 -6.58 -13.43 -13.41
CA SER A 180 -7.87 -14.04 -13.06
C SER A 180 -8.35 -13.96 -11.60
N SER A 181 -7.50 -13.50 -10.70
CA SER A 181 -7.91 -13.40 -9.28
C SER A 181 -6.94 -12.46 -8.56
N ASP A 182 -7.29 -12.12 -7.33
CA ASP A 182 -6.42 -11.23 -6.57
C ASP A 182 -5.62 -11.98 -5.50
N ALA A 183 -5.42 -13.28 -5.72
CA ALA A 183 -4.69 -14.09 -4.77
C ALA A 183 -3.18 -13.84 -4.76
N ALA A 184 -2.65 -13.40 -5.90
CA ALA A 184 -1.22 -13.16 -6.03
C ALA A 184 -0.52 -12.46 -4.86
N THR A 185 -1.02 -11.29 -4.47
CA THR A 185 -0.40 -10.52 -3.40
C THR A 185 -0.74 -10.94 -1.96
N SER A 186 -1.74 -11.79 -1.80
CA SER A 186 -2.19 -12.19 -0.47
C SER A 186 -1.32 -13.13 0.35
N SER A 187 -1.47 -13.03 1.68
CA SER A 187 -0.73 -13.85 2.62
C SER A 187 -1.53 -15.08 3.00
N LEU A 188 -2.67 -15.27 2.36
CA LEU A 188 -3.52 -16.41 2.66
C LEU A 188 -3.61 -17.40 1.52
N SER A 189 -3.87 -18.66 1.88
CA SER A 189 -4.01 -19.73 0.91
C SER A 189 -5.24 -20.54 1.25
N VAL A 190 -6.13 -20.68 0.28
CA VAL A 190 -7.34 -21.44 0.48
C VAL A 190 -6.99 -22.89 0.76
N ILE A 191 -7.62 -23.45 1.81
CA ILE A 191 -7.39 -24.84 2.19
C ILE A 191 -8.64 -25.64 1.86
N TYR A 192 -8.48 -26.62 0.96
CA TYR A 192 -9.60 -27.46 0.55
C TYR A 192 -9.26 -28.94 0.68
N GLN A 197 -13.80 -28.88 -1.75
CA GLN A 197 -14.66 -28.19 -0.79
C GLN A 197 -13.84 -27.30 0.14
N PHE A 198 -14.19 -26.02 0.18
CA PHE A 198 -13.48 -25.07 1.04
C PHE A 198 -13.62 -25.47 2.51
N GLN A 199 -12.55 -25.29 3.27
CA GLN A 199 -12.57 -25.63 4.69
C GLN A 199 -12.28 -24.39 5.54
N LYS A 200 -11.17 -23.72 5.25
CA LYS A 200 -10.79 -22.52 5.98
C LYS A 200 -9.69 -21.75 5.27
N TYR A 201 -9.34 -20.58 5.81
CA TYR A 201 -8.29 -19.73 5.26
C TYR A 201 -7.02 -19.85 6.12
N SER A 202 -5.88 -20.03 5.46
CA SER A 202 -4.60 -20.13 6.17
C SER A 202 -3.86 -18.80 5.98
N PHE A 203 -3.44 -18.19 7.09
CA PHE A 203 -2.74 -16.91 7.02
C PHE A 203 -1.24 -16.96 7.31
N TYR A 204 -0.42 -16.66 6.30
CA TYR A 204 1.03 -16.63 6.49
C TYR A 204 1.32 -15.34 7.26
N PRO A 205 2.38 -15.34 8.07
CA PRO A 205 2.70 -14.13 8.83
C PRO A 205 3.06 -12.91 8.00
N LEU A 206 3.51 -13.12 6.77
CA LEU A 206 3.90 -12.04 5.88
C LEU A 206 3.41 -12.29 4.45
N ASN A 207 3.28 -11.22 3.66
CA ASN A 207 2.85 -11.35 2.26
C ASN A 207 4.02 -11.73 1.39
N PRO A 208 3.74 -12.28 0.20
CA PRO A 208 4.84 -12.65 -0.70
C PRO A 208 5.64 -11.37 -0.87
N ASN A 209 6.96 -11.49 -1.03
CA ASN A 209 7.81 -10.31 -1.14
C ASN A 209 7.65 -9.51 -2.42
N LEU A 210 7.55 -10.20 -3.55
CA LEU A 210 7.41 -9.54 -4.85
C LEU A 210 6.36 -10.20 -5.73
N ILE A 211 5.45 -9.39 -6.27
CA ILE A 211 4.44 -9.87 -7.21
C ILE A 211 4.97 -9.29 -8.52
N PHE A 212 5.35 -10.18 -9.43
CA PHE A 212 5.97 -9.82 -10.69
C PHE A 212 5.09 -10.19 -11.87
N ILE A 213 4.60 -9.18 -12.59
CA ILE A 213 3.69 -9.41 -13.70
C ILE A 213 4.16 -8.93 -15.07
N ASP A 214 4.23 -9.86 -16.02
CA ASP A 214 4.64 -9.51 -17.38
C ASP A 214 3.34 -9.42 -18.18
N THR A 215 2.95 -8.20 -18.52
CA THR A 215 1.70 -8.01 -19.25
C THR A 215 1.69 -8.53 -20.69
N ASP A 216 2.85 -8.89 -21.23
CA ASP A 216 2.83 -9.43 -22.57
C ASP A 216 2.28 -10.85 -22.45
N VAL A 217 2.59 -11.49 -21.33
CA VAL A 217 2.09 -12.83 -21.06
C VAL A 217 0.60 -12.75 -20.75
N ILE A 218 0.24 -11.78 -19.91
CA ILE A 218 -1.15 -11.61 -19.51
C ILE A 218 -2.08 -11.32 -20.68
N VAL A 219 -1.66 -10.44 -21.59
CA VAL A 219 -2.51 -10.07 -22.72
C VAL A 219 -2.71 -11.20 -23.73
N ARG A 220 -1.82 -12.19 -23.72
CA ARG A 220 -1.93 -13.33 -24.63
C ARG A 220 -2.90 -14.41 -24.16
N ALA A 221 -3.31 -14.35 -22.90
CA ALA A 221 -4.24 -15.35 -22.38
C ALA A 221 -5.67 -15.07 -22.83
N PRO A 222 -6.53 -16.11 -22.87
CA PRO A 222 -7.92 -15.95 -23.29
C PRO A 222 -8.57 -14.87 -22.42
N VAL A 223 -9.37 -14.00 -23.02
CA VAL A 223 -9.99 -12.92 -22.27
C VAL A 223 -10.89 -13.42 -21.13
N ARG A 224 -11.31 -14.69 -21.16
CA ARG A 224 -12.15 -15.22 -20.10
C ARG A 224 -11.42 -15.12 -18.75
N PHE A 225 -10.10 -15.28 -18.78
CA PHE A 225 -9.31 -15.19 -17.56
C PHE A 225 -9.37 -13.79 -16.96
N LEU A 226 -9.17 -12.78 -17.80
CA LEU A 226 -9.21 -11.39 -17.34
C LEU A 226 -10.59 -11.07 -16.76
N ILE A 227 -11.63 -11.53 -17.44
CA ILE A 227 -13.00 -11.29 -16.99
C ILE A 227 -13.25 -11.93 -15.64
N SER A 228 -12.71 -13.13 -15.42
CA SER A 228 -12.88 -13.78 -14.14
C SER A 228 -12.22 -12.88 -13.09
N GLY A 229 -11.08 -12.31 -13.45
CA GLY A 229 -10.35 -11.43 -12.55
C GLY A 229 -11.14 -10.18 -12.23
N ILE A 230 -11.87 -9.67 -13.21
CA ILE A 230 -12.70 -8.49 -13.00
C ILE A 230 -13.82 -8.88 -12.04
N GLY A 231 -14.32 -10.11 -12.18
CA GLY A 231 -15.38 -10.58 -11.31
C GLY A 231 -14.93 -10.63 -9.87
N ASP A 232 -13.67 -11.03 -9.66
CA ASP A 232 -13.12 -11.10 -8.32
C ASP A 232 -12.85 -9.69 -7.79
N ALA A 233 -12.36 -8.81 -8.66
CA ALA A 233 -12.06 -7.44 -8.28
C ALA A 233 -13.33 -6.66 -7.92
N LEU A 234 -14.44 -6.98 -8.58
CA LEU A 234 -15.72 -6.33 -8.33
C LEU A 234 -16.23 -6.54 -6.91
N SER A 235 -15.90 -7.69 -6.33
CA SER A 235 -16.36 -8.00 -4.97
C SER A 235 -15.59 -7.25 -3.89
N THR A 236 -14.38 -6.82 -4.21
CA THR A 236 -13.54 -6.14 -3.23
C THR A 236 -14.16 -4.95 -2.54
N TRP A 237 -14.64 -3.98 -3.31
CA TRP A 237 -15.25 -2.80 -2.72
C TRP A 237 -16.49 -3.17 -1.91
N VAL A 238 -17.33 -4.03 -2.47
CA VAL A 238 -18.55 -4.44 -1.77
C VAL A 238 -18.25 -5.14 -0.46
N GLU A 239 -17.37 -6.14 -0.49
CA GLU A 239 -17.06 -6.86 0.73
C GLU A 239 -16.29 -6.03 1.75
N THR A 240 -15.27 -5.31 1.30
CA THR A 240 -14.48 -4.50 2.24
C THR A 240 -15.33 -3.42 2.91
N GLU A 241 -16.20 -2.78 2.14
CA GLU A 241 -17.07 -1.76 2.72
C GLU A 241 -17.95 -2.40 3.80
N SER A 242 -18.46 -3.59 3.54
CA SER A 242 -19.32 -4.26 4.52
C SER A 242 -18.55 -4.59 5.80
N VAL A 243 -17.29 -5.00 5.64
CA VAL A 243 -16.44 -5.33 6.80
C VAL A 243 -16.13 -4.07 7.61
N ILE A 244 -15.72 -3.01 6.91
CA ILE A 244 -15.38 -1.75 7.57
C ILE A 244 -16.61 -1.14 8.27
N ARG A 245 -17.74 -1.13 7.57
CA ARG A 245 -18.95 -0.53 8.15
C ARG A 245 -19.57 -1.37 9.26
N SER A 246 -19.10 -2.61 9.40
CA SER A 246 -19.59 -3.49 10.45
C SER A 246 -18.61 -3.44 11.62
N ASN A 247 -17.53 -2.68 11.44
CA ASN A 247 -16.47 -2.54 12.44
C ASN A 247 -15.91 -3.90 12.85
N SER A 248 -15.72 -4.76 11.87
CA SER A 248 -15.17 -6.09 12.12
C SER A 248 -13.68 -6.11 11.84
N THR A 249 -12.97 -7.02 12.50
CA THR A 249 -11.54 -7.15 12.30
C THR A 249 -11.23 -7.40 10.83
N SER A 250 -10.18 -6.74 10.33
CA SER A 250 -9.78 -6.87 8.93
C SER A 250 -9.03 -8.18 8.69
N PHE A 251 -8.80 -8.50 7.42
CA PHE A 251 -8.07 -9.72 7.08
C PHE A 251 -6.59 -9.50 7.34
N ALA A 252 -6.24 -8.32 7.83
CA ALA A 252 -4.87 -7.99 8.16
C ALA A 252 -4.64 -8.23 9.65
N GLY A 253 -5.73 -8.53 10.37
CA GLY A 253 -5.61 -8.82 11.79
C GLY A 253 -5.96 -7.72 12.79
N GLY A 254 -6.46 -6.59 12.31
CA GLY A 254 -6.79 -5.52 13.25
C GLY A 254 -7.89 -4.62 12.72
N VAL A 255 -7.92 -3.39 13.22
CA VAL A 255 -8.91 -2.42 12.78
C VAL A 255 -8.53 -2.01 11.38
N ALA A 256 -9.52 -1.87 10.51
CA ALA A 256 -9.26 -1.49 9.12
C ALA A 256 -8.66 -0.11 8.98
N SER A 257 -7.60 -0.01 8.17
CA SER A 257 -6.96 1.27 7.92
C SER A 257 -7.78 2.05 6.89
N ILE A 258 -7.54 3.35 6.83
CA ILE A 258 -8.21 4.21 5.87
C ILE A 258 -7.56 3.94 4.50
N ALA A 259 -6.25 3.74 4.52
CA ALA A 259 -5.50 3.47 3.29
C ALA A 259 -6.10 2.30 2.53
N GLY A 260 -6.37 1.20 3.25
CA GLY A 260 -6.95 0.04 2.61
C GLY A 260 -8.28 0.34 1.98
N ARG A 261 -9.08 1.18 2.63
CA ARG A 261 -10.40 1.52 2.12
C ARG A 261 -10.29 2.29 0.80
N TYR A 262 -9.30 3.17 0.71
CA TYR A 262 -9.10 3.93 -0.52
C TYR A 262 -8.56 3.08 -1.66
N ILE A 263 -7.83 2.02 -1.33
CA ILE A 263 -7.30 1.15 -2.37
C ILE A 263 -8.46 0.32 -2.93
N ALA A 264 -9.41 -0.03 -2.06
CA ALA A 264 -10.58 -0.77 -2.51
C ALA A 264 -11.37 0.17 -3.42
N ARG A 265 -11.40 1.45 -3.07
CA ARG A 265 -12.09 2.45 -3.88
C ARG A 265 -11.40 2.59 -5.24
N ALA A 266 -10.07 2.57 -5.21
CA ALA A 266 -9.29 2.69 -6.44
C ALA A 266 -9.66 1.54 -7.38
N CYS A 267 -9.83 0.36 -6.81
CA CYS A 267 -10.19 -0.82 -7.58
C CYS A 267 -11.55 -0.58 -8.23
N LYS A 268 -12.52 -0.18 -7.42
CA LYS A 268 -13.88 0.09 -7.92
C LYS A 268 -13.87 1.10 -9.07
N ASP A 269 -13.25 2.26 -8.82
CA ASP A 269 -13.19 3.33 -9.82
C ASP A 269 -12.47 2.92 -11.11
N THR A 270 -11.38 2.17 -10.98
CA THR A 270 -10.61 1.74 -12.13
C THR A 270 -11.41 0.80 -13.03
N LEU A 271 -12.16 -0.12 -12.42
CA LEU A 271 -12.97 -1.06 -13.19
C LEU A 271 -14.07 -0.30 -13.92
N GLU A 272 -14.68 0.66 -13.21
CA GLU A 272 -15.74 1.46 -13.80
C GLU A 272 -15.28 2.16 -15.07
N LYS A 273 -14.08 2.74 -15.02
CA LYS A 273 -13.55 3.47 -16.16
C LYS A 273 -12.91 2.62 -17.25
N TYR A 274 -12.22 1.56 -16.86
CA TYR A 274 -11.46 0.75 -17.81
C TYR A 274 -11.76 -0.74 -18.03
N ALA A 275 -12.65 -1.33 -17.24
CA ALA A 275 -12.95 -2.74 -17.40
C ALA A 275 -13.28 -3.15 -18.84
N LEU A 276 -14.21 -2.46 -19.47
CA LEU A 276 -14.60 -2.83 -20.84
C LEU A 276 -13.51 -2.58 -21.87
N SER A 277 -12.75 -1.49 -21.72
CA SER A 277 -11.69 -1.23 -22.69
C SER A 277 -10.54 -2.23 -22.51
N ALA A 278 -10.33 -2.70 -21.28
CA ALA A 278 -9.30 -3.69 -21.03
C ALA A 278 -9.75 -5.00 -21.69
N ILE A 279 -11.02 -5.31 -21.57
CA ILE A 279 -11.56 -6.52 -22.16
C ILE A 279 -11.38 -6.47 -23.68
N LEU A 280 -11.79 -5.36 -24.30
CA LEU A 280 -11.64 -5.21 -25.74
C LEU A 280 -10.17 -5.31 -26.12
N SER A 281 -9.32 -4.67 -25.33
CA SER A 281 -7.88 -4.69 -25.59
C SER A 281 -7.35 -6.12 -25.56
N ASN A 282 -7.72 -6.85 -24.51
CA ASN A 282 -7.29 -8.24 -24.31
C ASN A 282 -7.70 -9.08 -25.52
N THR A 283 -8.95 -8.93 -25.93
CA THR A 283 -9.49 -9.68 -27.07
C THR A 283 -8.72 -9.37 -28.35
N ARG A 284 -8.33 -8.10 -28.51
CA ARG A 284 -7.60 -7.67 -29.69
C ARG A 284 -6.10 -8.00 -29.58
N GLY A 285 -5.67 -8.37 -28.38
CA GLY A 285 -4.28 -8.71 -28.17
C GLY A 285 -3.35 -7.51 -28.03
N VAL A 286 -3.92 -6.37 -27.64
CA VAL A 286 -3.14 -5.14 -27.49
C VAL A 286 -2.98 -4.72 -26.04
N CYS A 287 -1.75 -4.38 -25.66
CA CYS A 287 -1.43 -3.99 -24.30
C CYS A 287 -1.59 -2.48 -24.06
N THR A 288 -2.83 -1.99 -24.16
CA THR A 288 -3.11 -0.57 -23.94
C THR A 288 -2.90 -0.21 -22.47
N GLU A 289 -2.85 1.09 -22.18
CA GLU A 289 -2.70 1.51 -20.79
C GLU A 289 -3.97 1.11 -20.02
N ALA A 290 -5.10 1.07 -20.72
CA ALA A 290 -6.37 0.69 -20.10
C ALA A 290 -6.30 -0.76 -19.62
N PHE A 291 -5.72 -1.62 -20.46
CA PHE A 291 -5.56 -3.03 -20.13
C PHE A 291 -4.63 -3.12 -18.91
N GLU A 292 -3.53 -2.36 -18.94
CA GLU A 292 -2.58 -2.37 -17.83
C GLU A 292 -3.25 -1.87 -16.55
N ASN A 293 -4.16 -0.90 -16.68
CA ASN A 293 -4.86 -0.38 -15.50
C ASN A 293 -5.70 -1.46 -14.83
N VAL A 294 -6.38 -2.27 -15.63
CA VAL A 294 -7.23 -3.32 -15.07
C VAL A 294 -6.38 -4.45 -14.53
N VAL A 295 -5.20 -4.68 -15.13
CA VAL A 295 -4.32 -5.72 -14.62
C VAL A 295 -3.93 -5.25 -13.21
N GLU A 296 -3.65 -3.96 -13.05
CA GLU A 296 -3.29 -3.46 -11.73
C GLU A 296 -4.49 -3.57 -10.78
N ALA A 297 -5.68 -3.26 -11.27
CA ALA A 297 -6.88 -3.33 -10.43
C ALA A 297 -7.17 -4.76 -9.97
N ASN A 298 -7.06 -5.70 -10.90
CA ASN A 298 -7.31 -7.10 -10.63
C ASN A 298 -6.30 -7.74 -9.70
N THR A 299 -5.09 -7.21 -9.70
CA THR A 299 -4.01 -7.79 -8.90
C THR A 299 -3.60 -6.98 -7.67
N LEU A 300 -3.06 -5.79 -7.90
CA LEU A 300 -2.61 -4.96 -6.80
C LEU A 300 -3.73 -4.35 -5.96
N MET A 301 -4.60 -3.58 -6.61
CA MET A 301 -5.70 -2.92 -5.91
C MET A 301 -6.66 -3.88 -5.23
N SER A 302 -7.12 -4.88 -5.97
CA SER A 302 -8.04 -5.84 -5.39
C SER A 302 -7.34 -6.61 -4.27
N GLY A 303 -6.10 -6.99 -4.51
CA GLY A 303 -5.34 -7.72 -3.51
C GLY A 303 -5.18 -6.95 -2.21
N LEU A 304 -4.68 -5.72 -2.28
CA LEU A 304 -4.49 -4.93 -1.08
C LEU A 304 -5.84 -4.49 -0.49
N GLY A 305 -6.79 -4.20 -1.36
CA GLY A 305 -8.10 -3.77 -0.91
C GLY A 305 -8.88 -4.81 -0.12
N PHE A 306 -8.73 -6.09 -0.47
CA PHE A 306 -9.46 -7.12 0.27
C PHE A 306 -8.74 -7.56 1.53
N GLU A 307 -7.42 -7.72 1.45
CA GLU A 307 -6.66 -8.16 2.62
C GLU A 307 -6.60 -7.12 3.73
N ASN A 308 -6.54 -5.85 3.35
CA ASN A 308 -6.50 -4.78 4.36
C ASN A 308 -7.90 -4.37 4.77
N GLY A 309 -8.87 -4.88 4.04
CA GLY A 309 -10.27 -4.65 4.35
C GLY A 309 -10.73 -6.01 4.83
N GLY A 310 -11.48 -6.72 3.99
CA GLY A 310 -11.92 -8.05 4.40
C GLY A 310 -12.93 -8.68 3.46
N LEU A 311 -13.14 -9.98 3.63
CA LEU A 311 -14.11 -10.71 2.82
C LEU A 311 -15.40 -10.73 3.63
N ALA A 312 -16.52 -10.93 2.93
CA ALA A 312 -17.81 -10.96 3.59
C ALA A 312 -18.68 -12.07 3.00
N ALA A 313 -19.91 -11.74 2.61
CA ALA A 313 -20.83 -12.73 2.07
C ALA A 313 -20.43 -13.30 0.70
N ALA A 314 -20.04 -12.42 -0.22
CA ALA A 314 -19.69 -12.84 -1.57
C ALA A 314 -18.78 -14.06 -1.64
N HIS A 315 -17.63 -14.01 -0.97
CA HIS A 315 -16.71 -15.14 -1.01
C HIS A 315 -17.18 -16.36 -0.25
N ALA A 316 -17.95 -16.15 0.82
CA ALA A 316 -18.48 -17.27 1.59
C ALA A 316 -19.47 -18.01 0.70
N ILE A 317 -20.26 -17.24 -0.05
CA ILE A 317 -21.24 -17.82 -0.96
C ILE A 317 -20.50 -18.57 -2.05
N HIS A 318 -19.39 -17.99 -2.52
CA HIS A 318 -18.58 -18.63 -3.54
C HIS A 318 -18.14 -20.00 -3.03
N ASN A 319 -17.70 -20.07 -1.78
CA ASN A 319 -17.25 -21.34 -1.20
C ASN A 319 -18.44 -22.28 -1.04
N GLY A 320 -19.61 -21.71 -0.77
CA GLY A 320 -20.80 -22.53 -0.61
C GLY A 320 -21.22 -23.20 -1.90
N MET A 321 -20.99 -22.52 -3.04
CA MET A 321 -21.35 -23.06 -4.34
C MET A 321 -20.69 -24.38 -4.69
N THR A 322 -19.43 -24.54 -4.28
CA THR A 322 -18.70 -25.77 -4.58
C THR A 322 -19.47 -26.98 -4.04
N ALA A 323 -20.23 -26.78 -2.97
CA ALA A 323 -20.99 -27.85 -2.36
C ALA A 323 -21.94 -28.49 -3.37
N ILE A 324 -22.25 -27.75 -4.43
CA ILE A 324 -23.16 -28.24 -5.46
C ILE A 324 -22.47 -29.21 -6.42
N HIS A 325 -21.20 -28.98 -6.70
CA HIS A 325 -20.44 -29.80 -7.62
C HIS A 325 -21.11 -29.78 -8.99
N GLY A 326 -21.19 -30.93 -9.66
CA GLY A 326 -21.81 -30.95 -10.96
C GLY A 326 -21.10 -30.03 -11.93
N PRO A 327 -21.84 -29.21 -12.69
CA PRO A 327 -21.23 -28.28 -13.64
C PRO A 327 -20.47 -27.11 -13.00
N VAL A 328 -20.67 -26.93 -11.70
CA VAL A 328 -20.02 -25.85 -10.97
C VAL A 328 -18.49 -25.86 -11.12
N HIS A 329 -17.91 -27.05 -11.24
CA HIS A 329 -16.47 -27.17 -11.38
C HIS A 329 -15.94 -26.50 -12.64
N ARG A 330 -16.83 -26.18 -13.58
CA ARG A 330 -16.43 -25.56 -14.83
C ARG A 330 -16.30 -24.04 -14.76
N LEU A 331 -16.79 -23.46 -13.66
CA LEU A 331 -16.73 -22.01 -13.47
C LEU A 331 -15.41 -21.56 -12.89
N MET A 332 -14.96 -20.39 -13.31
CA MET A 332 -13.72 -19.83 -12.78
C MET A 332 -14.08 -19.10 -11.50
N HIS A 333 -13.09 -18.90 -10.63
CA HIS A 333 -13.30 -18.23 -9.35
C HIS A 333 -14.10 -16.93 -9.45
N GLY A 334 -13.61 -16.01 -10.28
CA GLY A 334 -14.28 -14.73 -10.45
C GLY A 334 -15.70 -14.79 -10.98
N GLU A 335 -16.00 -15.83 -11.76
CA GLU A 335 -17.35 -15.97 -12.31
C GLU A 335 -18.33 -16.29 -11.18
N LYS A 336 -17.89 -17.11 -10.23
CA LYS A 336 -18.73 -17.46 -9.08
C LYS A 336 -18.78 -16.29 -8.10
N VAL A 337 -17.65 -15.63 -7.91
CA VAL A 337 -17.58 -14.49 -6.98
C VAL A 337 -18.48 -13.35 -7.44
N ALA A 338 -18.57 -13.16 -8.75
CA ALA A 338 -19.41 -12.09 -9.28
C ALA A 338 -20.87 -12.35 -8.90
N TYR A 339 -21.33 -13.58 -9.12
CA TYR A 339 -22.70 -13.92 -8.78
C TYR A 339 -22.88 -13.78 -7.27
N GLY A 340 -21.86 -14.19 -6.53
CA GLY A 340 -21.91 -14.10 -5.08
C GLY A 340 -22.01 -12.67 -4.60
N THR A 341 -21.43 -11.75 -5.36
CA THR A 341 -21.47 -10.34 -5.01
C THR A 341 -22.89 -9.83 -5.19
N LEU A 342 -23.56 -10.30 -6.23
CA LEU A 342 -24.94 -9.91 -6.47
C LEU A 342 -25.79 -10.45 -5.31
N VAL A 343 -25.45 -11.65 -4.85
CA VAL A 343 -26.19 -12.24 -3.74
C VAL A 343 -26.00 -11.39 -2.49
N GLN A 344 -24.77 -10.90 -2.26
CA GLN A 344 -24.54 -10.06 -1.10
C GLN A 344 -25.38 -8.79 -1.20
N VAL A 345 -25.53 -8.27 -2.42
CA VAL A 345 -26.32 -7.07 -2.65
C VAL A 345 -27.78 -7.30 -2.25
N VAL A 346 -28.28 -8.51 -2.48
CA VAL A 346 -29.65 -8.82 -2.09
C VAL A 346 -29.69 -8.89 -0.56
N LEU A 347 -28.66 -9.50 0.03
CA LEU A 347 -28.59 -9.62 1.48
C LEU A 347 -28.45 -8.25 2.15
N GLU A 348 -27.77 -7.32 1.47
CA GLU A 348 -27.59 -5.98 2.01
C GLU A 348 -28.85 -5.13 1.76
N ASP A 349 -29.80 -5.69 1.02
CA ASP A 349 -31.07 -5.04 0.72
C ASP A 349 -30.97 -3.75 -0.08
N TRP A 350 -30.11 -3.72 -1.09
CA TRP A 350 -29.97 -2.53 -1.94
C TRP A 350 -31.25 -2.39 -2.74
N PRO A 351 -31.66 -1.14 -3.03
CA PRO A 351 -32.87 -0.94 -3.84
C PRO A 351 -32.62 -1.63 -5.18
N LEU A 352 -33.68 -2.09 -5.85
CA LEU A 352 -33.51 -2.79 -7.12
C LEU A 352 -32.71 -1.99 -8.16
N GLU A 353 -32.89 -0.67 -8.19
CA GLU A 353 -32.16 0.14 -9.16
C GLU A 353 -30.65 -0.01 -8.97
N ASP A 354 -30.20 -0.06 -7.72
CA ASP A 354 -28.77 -0.18 -7.45
C ASP A 354 -28.27 -1.57 -7.80
N PHE A 355 -29.13 -2.57 -7.60
CA PHE A 355 -28.76 -3.94 -7.97
C PHE A 355 -28.56 -3.96 -9.48
N ASN A 356 -29.50 -3.36 -10.22
CA ASN A 356 -29.42 -3.32 -11.67
C ASN A 356 -28.15 -2.65 -12.19
N ASN A 357 -27.73 -1.58 -11.51
CA ASN A 357 -26.51 -0.88 -11.92
C ASN A 357 -25.30 -1.81 -11.88
N LEU A 358 -25.23 -2.69 -10.88
CA LEU A 358 -24.10 -3.60 -10.77
C LEU A 358 -24.27 -4.79 -11.71
N ALA A 359 -25.49 -5.34 -11.76
CA ALA A 359 -25.76 -6.47 -12.63
C ALA A 359 -25.51 -6.10 -14.10
N SER A 360 -25.93 -4.90 -14.49
CA SER A 360 -25.73 -4.45 -15.88
C SER A 360 -24.25 -4.36 -16.21
N PHE A 361 -23.46 -3.92 -15.23
CA PHE A 361 -22.02 -3.79 -15.43
C PHE A 361 -21.41 -5.16 -15.63
N MET A 362 -21.81 -6.11 -14.80
CA MET A 362 -21.29 -7.47 -14.92
C MET A 362 -21.67 -8.03 -16.28
N ALA A 363 -22.91 -7.81 -16.68
CA ALA A 363 -23.39 -8.30 -17.97
C ALA A 363 -22.55 -7.73 -19.12
N LYS A 364 -22.23 -6.44 -19.06
CA LYS A 364 -21.43 -5.82 -20.10
C LYS A 364 -20.02 -6.41 -20.15
N CYS A 365 -19.56 -6.92 -19.02
CA CYS A 365 -18.22 -7.52 -18.94
C CYS A 365 -18.25 -9.01 -19.25
N HIS A 366 -19.41 -9.51 -19.66
CA HIS A 366 -19.62 -10.92 -20.00
C HIS A 366 -19.53 -11.86 -18.80
N LEU A 367 -19.97 -11.38 -17.63
CA LEU A 367 -19.97 -12.20 -16.42
C LEU A 367 -21.38 -12.78 -16.27
N PRO A 368 -21.49 -14.00 -15.74
CA PRO A 368 -22.83 -14.60 -15.57
C PRO A 368 -23.60 -13.94 -14.43
N ILE A 369 -24.87 -13.62 -14.67
CA ILE A 369 -25.69 -12.99 -13.63
C ILE A 369 -26.98 -13.76 -13.36
N THR A 370 -27.08 -14.96 -13.94
CA THR A 370 -28.26 -15.81 -13.75
C THR A 370 -27.85 -17.26 -13.49
N LEU A 371 -28.75 -18.05 -12.93
CA LEU A 371 -28.46 -19.46 -12.65
C LEU A 371 -28.25 -20.22 -13.97
N GLU A 372 -28.95 -19.79 -15.01
CA GLU A 372 -28.83 -20.41 -16.32
C GLU A 372 -27.40 -20.25 -16.85
N GLU A 373 -26.89 -19.03 -16.81
CA GLU A 373 -25.53 -18.78 -17.30
C GLU A 373 -24.49 -19.52 -16.45
N LEU A 374 -24.75 -19.62 -15.15
CA LEU A 374 -23.83 -20.33 -14.26
C LEU A 374 -23.84 -21.82 -14.58
N GLY A 375 -24.84 -22.25 -15.33
CA GLY A 375 -24.94 -23.66 -15.69
C GLY A 375 -25.71 -24.52 -14.71
N ILE A 376 -26.41 -23.90 -13.76
CA ILE A 376 -27.19 -24.65 -12.77
C ILE A 376 -28.61 -24.09 -12.65
N PRO A 377 -29.29 -23.90 -13.78
CA PRO A 377 -30.66 -23.37 -13.77
C PRO A 377 -31.67 -24.24 -13.04
N ASN A 378 -31.33 -25.50 -12.83
CA ASN A 378 -32.26 -26.42 -12.18
C ASN A 378 -31.85 -26.80 -10.76
N VAL A 379 -30.93 -26.05 -10.17
CA VAL A 379 -30.50 -26.34 -8.81
C VAL A 379 -31.75 -26.41 -7.95
N THR A 380 -31.82 -27.40 -7.06
CA THR A 380 -32.99 -27.58 -6.20
C THR A 380 -32.94 -26.76 -4.92
N ASP A 381 -34.09 -26.61 -4.27
CA ASP A 381 -34.14 -25.86 -3.01
C ASP A 381 -33.26 -26.56 -1.98
N GLU A 382 -33.26 -27.89 -2.01
CA GLU A 382 -32.46 -28.67 -1.08
C GLU A 382 -30.98 -28.36 -1.30
N GLU A 383 -30.58 -28.30 -2.56
CA GLU A 383 -29.19 -28.00 -2.89
C GLU A 383 -28.83 -26.59 -2.43
N LEU A 384 -29.74 -25.64 -2.65
CA LEU A 384 -29.48 -24.28 -2.24
C LEU A 384 -29.39 -24.16 -0.73
N LEU A 385 -30.18 -24.94 0.01
CA LEU A 385 -30.11 -24.90 1.47
C LEU A 385 -28.74 -25.41 1.90
N MET A 386 -28.20 -26.35 1.14
CA MET A 386 -26.88 -26.91 1.42
C MET A 386 -25.82 -25.83 1.23
N VAL A 387 -25.98 -25.04 0.17
CA VAL A 387 -25.05 -23.95 -0.11
C VAL A 387 -25.14 -22.97 1.07
N GLY A 388 -26.37 -22.71 1.50
CA GLY A 388 -26.60 -21.81 2.61
C GLY A 388 -25.92 -22.25 3.89
N ARG A 389 -26.01 -23.54 4.20
CA ARG A 389 -25.37 -24.06 5.41
C ARG A 389 -23.86 -23.95 5.31
N ALA A 390 -23.31 -24.24 4.13
CA ALA A 390 -21.88 -24.16 3.92
C ALA A 390 -21.41 -22.71 4.03
N THR A 391 -22.22 -21.81 3.48
CA THR A 391 -21.92 -20.38 3.50
C THR A 391 -21.82 -19.87 4.93
N LEU A 392 -22.67 -20.41 5.80
CA LEU A 392 -22.71 -19.97 7.20
C LEU A 392 -21.84 -20.72 8.21
N ARG A 393 -20.91 -21.53 7.73
CA ARG A 393 -20.03 -22.25 8.64
C ARG A 393 -19.33 -21.23 9.55
N PRO A 394 -19.10 -21.59 10.83
CA PRO A 394 -18.46 -20.72 11.83
C PRO A 394 -17.26 -19.88 11.41
N ASP A 395 -16.39 -20.43 10.57
CA ASP A 395 -15.21 -19.67 10.16
C ASP A 395 -15.34 -18.93 8.83
N GLU A 396 -16.55 -18.88 8.26
CA GLU A 396 -16.73 -18.19 6.99
C GLU A 396 -16.69 -16.67 7.17
N SER A 397 -16.36 -15.97 6.09
CA SER A 397 -16.24 -14.51 6.13
C SER A 397 -17.56 -13.76 6.27
N ILE A 398 -18.67 -14.40 5.92
CA ILE A 398 -19.96 -13.74 6.01
C ILE A 398 -20.24 -13.24 7.43
N HIS A 399 -19.62 -13.86 8.42
CA HIS A 399 -19.84 -13.47 9.81
C HIS A 399 -19.26 -12.10 10.16
N ASN A 400 -18.48 -11.52 9.25
CA ASN A 400 -17.91 -10.19 9.48
C ASN A 400 -18.98 -9.13 9.33
N MET A 401 -20.07 -9.47 8.66
CA MET A 401 -21.18 -8.54 8.47
C MET A 401 -21.98 -8.41 9.76
N SER A 402 -22.41 -7.19 10.08
CA SER A 402 -23.20 -6.99 11.30
C SER A 402 -24.59 -7.63 11.16
N LYS A 403 -25.10 -7.70 9.93
CA LYS A 403 -26.39 -8.33 9.68
C LYS A 403 -26.16 -9.84 9.69
N LYS A 404 -27.04 -10.58 10.35
CA LYS A 404 -26.90 -12.04 10.43
C LYS A 404 -27.97 -12.78 9.62
N PHE A 405 -27.61 -13.95 9.11
CA PHE A 405 -28.52 -14.73 8.28
C PHE A 405 -28.60 -16.22 8.62
N ASN A 406 -29.64 -16.85 8.13
CA ASN A 406 -29.82 -18.29 8.30
C ASN A 406 -29.78 -18.88 6.88
N PRO A 407 -29.61 -20.21 6.77
CA PRO A 407 -29.53 -20.85 5.45
C PRO A 407 -30.63 -20.53 4.45
N SER A 408 -31.89 -20.48 4.88
CA SER A 408 -32.98 -20.20 3.96
C SER A 408 -32.88 -18.80 3.35
N GLN A 409 -32.29 -17.86 4.10
CA GLN A 409 -32.13 -16.50 3.60
C GLN A 409 -31.07 -16.46 2.50
N ILE A 410 -30.05 -17.31 2.63
CA ILE A 410 -28.99 -17.40 1.64
C ILE A 410 -29.58 -18.00 0.37
N ALA A 411 -30.36 -19.08 0.55
CA ALA A 411 -31.00 -19.75 -0.57
C ALA A 411 -31.95 -18.80 -1.30
N ASP A 412 -32.77 -18.08 -0.52
CA ASP A 412 -33.71 -17.14 -1.10
C ASP A 412 -33.01 -16.04 -1.90
N ALA A 413 -31.89 -15.54 -1.38
CA ALA A 413 -31.15 -14.50 -2.06
C ALA A 413 -30.51 -14.97 -3.37
N ILE A 414 -30.07 -16.22 -3.41
CA ILE A 414 -29.48 -16.78 -4.63
C ILE A 414 -30.56 -16.84 -5.72
N LYS A 415 -31.77 -17.20 -5.33
CA LYS A 415 -32.87 -17.27 -6.30
C LYS A 415 -33.32 -15.87 -6.70
N ALA A 416 -33.33 -14.96 -5.73
CA ALA A 416 -33.75 -13.58 -5.99
C ALA A 416 -32.84 -12.94 -7.03
N VAL A 417 -31.53 -13.18 -6.94
CA VAL A 417 -30.59 -12.62 -7.89
C VAL A 417 -31.01 -13.08 -9.29
N ASP A 418 -31.26 -14.37 -9.43
CA ASP A 418 -31.66 -14.95 -10.69
C ASP A 418 -32.90 -14.26 -11.28
N SER A 419 -33.93 -14.05 -10.46
CA SER A 419 -35.14 -13.39 -10.91
C SER A 419 -34.91 -11.91 -11.26
N TYR A 420 -34.16 -11.21 -10.41
CA TYR A 420 -33.87 -9.79 -10.65
C TYR A 420 -33.13 -9.65 -11.98
N SER A 421 -32.09 -10.44 -12.16
CA SER A 421 -31.31 -10.38 -13.39
C SER A 421 -32.15 -10.70 -14.62
N GLN A 422 -32.98 -11.73 -14.54
CA GLN A 422 -33.83 -12.07 -15.68
C GLN A 422 -34.75 -10.90 -16.02
N LYS A 423 -35.24 -10.20 -15.00
CA LYS A 423 -36.12 -9.05 -15.23
C LYS A 423 -35.35 -7.93 -15.91
N TRP A 424 -34.11 -7.70 -15.47
CA TRP A 424 -33.30 -6.65 -16.07
C TRP A 424 -33.03 -6.96 -17.54
N GLN A 425 -32.69 -8.22 -17.84
CA GLN A 425 -32.44 -8.62 -19.22
C GLN A 425 -33.68 -8.33 -20.06
N GLU A 426 -34.84 -8.70 -19.53
CA GLU A 426 -36.10 -8.47 -20.22
C GLU A 426 -36.40 -6.99 -20.45
N GLN A 427 -36.32 -6.20 -19.38
CA GLN A 427 -36.59 -4.76 -19.45
C GLN A 427 -35.72 -4.02 -20.44
N THR A 428 -34.42 -4.33 -20.43
CA THR A 428 -33.47 -3.65 -21.30
C THR A 428 -33.30 -4.29 -22.67
N GLY A 429 -33.82 -5.51 -22.83
CA GLY A 429 -33.69 -6.19 -24.10
C GLY A 429 -32.27 -6.68 -24.32
N TRP A 430 -31.52 -6.80 -23.23
CA TRP A 430 -30.14 -7.26 -23.27
C TRP A 430 -30.11 -8.72 -23.73
N THR A 431 -29.43 -8.99 -24.84
CA THR A 431 -29.38 -10.34 -25.38
C THR A 431 -28.08 -11.12 -25.14
N GLU A 432 -27.02 -10.43 -24.77
CA GLU A 432 -25.74 -11.09 -24.52
C GLU A 432 -25.89 -12.05 -23.34
N ARG A 433 -25.21 -13.21 -23.43
CA ARG A 433 -25.28 -14.20 -22.37
C ARG A 433 -23.96 -14.95 -22.20
N PHE A 434 -23.61 -15.23 -20.96
CA PHE A 434 -22.40 -15.99 -20.65
C PHE A 434 -22.76 -17.45 -20.85
N ARG A 435 -21.96 -18.17 -21.64
CA ARG A 435 -22.20 -19.58 -21.89
C ARG A 435 -21.05 -20.34 -21.23
N LEU A 436 -21.38 -21.18 -20.26
CA LEU A 436 -20.37 -21.95 -19.53
C LEU A 436 -19.57 -22.86 -20.44
N PRO A 437 -18.24 -22.62 -20.55
CA PRO A 437 -17.36 -23.43 -21.39
C PRO A 437 -17.24 -24.87 -20.89
N PRO A 438 -16.64 -25.77 -21.69
CA PRO A 438 -16.45 -27.19 -21.36
C PRO A 438 -15.72 -27.48 -20.06
N SER A 439 -14.76 -26.62 -19.71
CA SER A 439 -14.00 -26.80 -18.48
C SER A 439 -13.56 -25.46 -17.90
N ARG A 440 -13.09 -25.51 -16.66
CA ARG A 440 -12.64 -24.33 -15.93
C ARG A 440 -11.54 -23.54 -16.62
N HIS A 441 -10.67 -24.23 -17.35
CA HIS A 441 -9.57 -23.56 -18.05
C HIS A 441 -9.83 -23.36 -19.55
N SER A 442 -11.05 -23.64 -19.99
CA SER A 442 -11.39 -23.47 -21.40
C SER A 442 -11.69 -22.02 -21.75
N PRO A 443 -11.35 -21.60 -22.98
CA PRO A 443 -11.61 -20.22 -23.39
C PRO A 443 -13.12 -20.11 -23.63
N HIS A 444 -13.61 -18.92 -23.96
CA HIS A 444 -15.03 -18.74 -24.24
C HIS A 444 -15.40 -19.62 -25.42
N LEU A 445 -16.66 -20.06 -25.47
CA LEU A 445 -17.13 -20.90 -26.56
C LEU A 445 -16.99 -20.14 -27.88
N THR A 446 -17.22 -18.83 -27.83
CA THR A 446 -17.10 -18.00 -29.03
C THR A 446 -16.34 -16.71 -28.73
N ASP A 447 -16.07 -15.94 -29.78
CA ASP A 447 -15.35 -14.67 -29.65
C ASP A 447 -16.32 -13.57 -29.23
N ILE A 448 -16.06 -12.92 -28.09
CA ILE A 448 -16.94 -11.87 -27.63
C ILE A 448 -16.63 -10.53 -28.29
N HIS A 449 -15.61 -10.50 -29.14
CA HIS A 449 -15.26 -9.25 -29.82
C HIS A 449 -16.43 -8.84 -30.70
N PRO A 450 -16.72 -7.53 -30.77
CA PRO A 450 -17.83 -7.04 -31.59
C PRO A 450 -17.69 -7.43 -33.06
N GLU B 57 22.29 2.84 -5.27
CA GLU B 57 22.02 3.79 -6.39
C GLU B 57 20.61 3.60 -6.94
N PHE B 58 19.90 4.71 -7.11
CA PHE B 58 18.53 4.69 -7.63
C PHE B 58 18.52 4.12 -9.05
N GLU B 59 17.56 3.26 -9.33
CA GLU B 59 17.43 2.66 -10.66
C GLU B 59 16.01 2.86 -11.17
N GLU B 60 15.88 3.45 -12.35
CA GLU B 60 14.58 3.70 -12.95
C GLU B 60 14.21 2.60 -13.94
N SER B 61 12.91 2.37 -14.11
CA SER B 61 12.41 1.35 -15.02
C SER B 61 11.18 1.85 -15.78
N LYS B 62 10.75 1.07 -16.77
CA LYS B 62 9.59 1.41 -17.60
C LYS B 62 8.36 0.68 -17.07
N ASP B 63 8.55 -0.12 -16.03
CA ASP B 63 7.45 -0.88 -15.45
C ASP B 63 6.67 -0.07 -14.43
N ARG B 64 5.43 -0.49 -14.16
CA ARG B 64 4.57 0.17 -13.18
C ARG B 64 4.93 -0.49 -11.85
N ILE B 65 5.44 0.31 -10.92
CA ILE B 65 5.90 -0.20 -9.63
C ILE B 65 5.29 0.41 -8.38
N PHE B 66 4.94 -0.45 -7.44
CA PHE B 66 4.37 -0.04 -6.15
C PHE B 66 5.32 -0.64 -5.11
N THR B 67 5.66 0.15 -4.10
CA THR B 67 6.59 -0.31 -3.07
C THR B 67 6.01 -0.02 -1.69
N SER B 68 6.29 -0.89 -0.72
CA SER B 68 5.74 -0.69 0.62
C SER B 68 6.42 -1.49 1.71
N PRO B 69 6.18 -1.09 2.98
CA PRO B 69 6.78 -1.84 4.08
C PRO B 69 5.91 -3.10 4.11
N GLN B 70 6.39 -4.16 4.73
CA GLN B 70 5.59 -5.38 4.80
C GLN B 70 4.41 -5.22 5.75
N LYS B 71 4.62 -4.47 6.82
CA LYS B 71 3.56 -4.26 7.82
C LYS B 71 3.62 -2.85 8.41
N TYR B 72 2.45 -2.32 8.73
CA TYR B 72 2.34 -1.02 9.37
C TYR B 72 1.38 -1.28 10.51
N VAL B 73 1.82 -1.05 11.74
CA VAL B 73 1.01 -1.31 12.93
C VAL B 73 0.93 -0.06 13.78
N GLN B 74 -0.31 0.34 14.09
CA GLN B 74 -0.55 1.55 14.88
C GLN B 74 -1.63 1.32 15.95
N GLY B 75 -1.31 1.64 17.21
CA GLY B 75 -2.29 1.46 18.26
C GLY B 75 -1.81 2.02 19.60
N ARG B 76 -2.75 2.33 20.48
CA ARG B 76 -2.40 2.88 21.77
C ARG B 76 -1.85 1.78 22.68
N HIS B 77 -0.66 2.03 23.23
CA HIS B 77 0.02 1.08 24.11
C HIS B 77 0.55 -0.10 23.30
N ALA B 78 0.60 0.06 21.99
CA ALA B 78 1.08 -0.99 21.09
C ALA B 78 2.45 -1.55 21.46
N PHE B 79 3.34 -0.71 21.98
CA PHE B 79 4.67 -1.20 22.35
C PHE B 79 4.61 -2.30 23.39
N THR B 80 3.49 -2.41 24.11
CA THR B 80 3.35 -3.46 25.13
C THR B 80 2.98 -4.78 24.45
N ARG B 81 2.78 -4.73 23.13
CA ARG B 81 2.44 -5.90 22.34
C ARG B 81 3.51 -6.10 21.26
N SER B 82 4.72 -5.62 21.53
CA SER B 82 5.81 -5.72 20.58
C SER B 82 6.12 -7.11 20.03
N TYR B 83 6.31 -8.09 20.91
CA TYR B 83 6.63 -9.44 20.47
C TYR B 83 5.68 -9.99 19.42
N MET B 84 4.39 -9.76 19.63
CA MET B 84 3.33 -10.20 18.74
C MET B 84 3.61 -9.90 17.28
N TYR B 85 4.27 -8.76 17.03
CA TYR B 85 4.59 -8.35 15.69
C TYR B 85 6.05 -8.64 15.35
N VAL B 86 6.95 -8.32 16.28
CA VAL B 86 8.37 -8.55 16.06
C VAL B 86 8.69 -10.01 15.75
N LYS B 87 7.91 -10.93 16.32
CA LYS B 87 8.14 -12.36 16.14
C LYS B 87 8.11 -12.79 14.66
N LYS B 88 7.52 -11.96 13.82
CA LYS B 88 7.44 -12.27 12.39
C LYS B 88 8.82 -12.24 11.74
N TRP B 89 9.74 -11.49 12.34
CA TRP B 89 11.09 -11.37 11.80
C TRP B 89 12.18 -11.92 12.72
N ALA B 90 11.91 -11.92 14.03
CA ALA B 90 12.89 -12.39 14.99
C ALA B 90 12.27 -12.92 16.27
N THR B 91 12.71 -14.11 16.69
CA THR B 91 12.19 -14.70 17.92
C THR B 91 13.33 -14.99 18.90
N LYS B 92 14.57 -14.77 18.48
CA LYS B 92 15.72 -15.04 19.33
C LYS B 92 16.56 -13.83 19.75
N SER B 93 16.93 -12.98 18.80
CA SER B 93 17.74 -11.82 19.15
C SER B 93 17.42 -10.57 18.34
N ALA B 94 17.38 -9.42 19.02
CA ALA B 94 17.07 -8.16 18.37
C ALA B 94 17.84 -7.00 18.97
N VAL B 95 18.12 -5.99 18.14
CA VAL B 95 18.82 -4.80 18.58
C VAL B 95 17.81 -3.67 18.69
N VAL B 96 17.84 -2.95 19.80
CA VAL B 96 16.93 -1.83 19.97
C VAL B 96 17.80 -0.58 20.08
N LEU B 97 17.62 0.33 19.12
CA LEU B 97 18.39 1.57 19.07
C LEU B 97 17.53 2.80 19.33
N ALA B 98 17.96 3.63 20.28
CA ALA B 98 17.23 4.85 20.62
C ALA B 98 18.13 5.78 21.43
N ASP B 99 17.93 7.10 21.28
CA ASP B 99 18.73 8.05 22.05
C ASP B 99 18.27 7.93 23.50
N GLN B 100 18.99 8.53 24.44
CA GLN B 100 18.64 8.43 25.84
C GLN B 100 17.23 8.90 26.16
N ASN B 101 16.81 9.99 25.51
CA ASN B 101 15.49 10.54 25.73
C ASN B 101 14.39 9.51 25.45
N VAL B 102 14.50 8.83 24.32
CA VAL B 102 13.50 7.84 23.95
C VAL B 102 13.55 6.62 24.86
N TRP B 103 14.74 6.28 25.37
CA TRP B 103 14.85 5.14 26.27
C TRP B 103 14.06 5.45 27.53
N ASN B 104 14.17 6.69 27.99
CA ASN B 104 13.45 7.11 29.20
C ASN B 104 11.95 7.13 28.97
N ILE B 105 11.54 7.59 27.80
CA ILE B 105 10.13 7.70 27.44
C ILE B 105 9.36 6.42 27.10
N CYS B 106 9.94 5.55 26.28
CA CYS B 106 9.19 4.36 25.89
C CYS B 106 9.97 3.14 25.41
N ALA B 107 11.20 3.33 24.97
CA ALA B 107 12.01 2.23 24.45
C ALA B 107 12.05 0.97 25.33
N ASN B 108 11.98 1.14 26.64
CA ASN B 108 12.03 -0.01 27.54
C ASN B 108 10.76 -0.86 27.46
N LYS B 109 9.65 -0.26 27.06
CA LYS B 109 8.40 -0.99 26.93
C LYS B 109 8.58 -2.06 25.85
N ILE B 110 9.27 -1.70 24.77
CA ILE B 110 9.53 -2.63 23.68
C ILE B 110 10.44 -3.75 24.18
N VAL B 111 11.54 -3.36 24.82
CA VAL B 111 12.50 -4.34 25.33
C VAL B 111 11.82 -5.33 26.29
N ASP B 112 11.04 -4.82 27.22
CA ASP B 112 10.34 -5.66 28.18
C ASP B 112 9.47 -6.71 27.49
N SER B 113 8.71 -6.30 26.47
CA SER B 113 7.84 -7.20 25.75
C SER B 113 8.62 -8.36 25.11
N LEU B 114 9.71 -8.03 24.43
CA LEU B 114 10.51 -9.04 23.77
C LEU B 114 11.21 -9.96 24.78
N SER B 115 11.64 -9.39 25.90
CA SER B 115 12.32 -10.16 26.95
C SER B 115 11.36 -11.15 27.59
N GLN B 116 10.18 -10.66 27.98
CA GLN B 116 9.17 -11.49 28.61
C GLN B 116 8.77 -12.65 27.70
N ASN B 117 9.24 -12.61 26.46
CA ASN B 117 8.91 -13.66 25.50
C ASN B 117 10.11 -14.50 25.05
N GLY B 118 11.17 -14.47 25.85
CA GLY B 118 12.35 -15.27 25.55
C GLY B 118 13.39 -14.73 24.60
N MET B 119 13.30 -13.45 24.24
CA MET B 119 14.27 -12.87 23.31
C MET B 119 15.43 -12.19 24.01
N THR B 120 16.59 -12.20 23.35
CA THR B 120 17.77 -11.55 23.87
C THR B 120 17.77 -10.20 23.17
N VAL B 121 17.88 -9.12 23.93
CA VAL B 121 17.85 -7.79 23.33
C VAL B 121 19.11 -6.97 23.58
N THR B 122 19.74 -6.52 22.49
CA THR B 122 20.92 -5.69 22.58
C THR B 122 20.45 -4.25 22.60
N LYS B 123 20.62 -3.60 23.75
CA LYS B 123 20.19 -2.22 23.91
C LYS B 123 21.33 -1.25 23.59
N LEU B 124 21.16 -0.50 22.51
CA LEU B 124 22.16 0.47 22.10
C LEU B 124 21.62 1.89 22.23
N VAL B 125 22.49 2.83 22.58
CA VAL B 125 22.09 4.21 22.72
C VAL B 125 22.60 5.05 21.56
N PHE B 126 21.68 5.66 20.81
CA PHE B 126 22.05 6.49 19.68
C PHE B 126 22.71 7.74 20.26
N GLY B 127 23.90 8.05 19.75
CA GLY B 127 24.61 9.23 20.23
C GLY B 127 24.05 10.53 19.71
N GLY B 128 22.90 10.46 19.05
CA GLY B 128 22.28 11.66 18.52
C GLY B 128 22.94 12.11 17.23
N GLU B 129 24.15 11.62 16.98
CA GLU B 129 24.90 11.97 15.78
C GLU B 129 24.80 10.85 14.74
N ALA B 130 24.05 11.10 13.69
CA ALA B 130 23.85 10.12 12.62
C ALA B 130 25.00 10.11 11.61
N SER B 131 26.23 10.12 12.11
CA SER B 131 27.41 10.10 11.26
C SER B 131 27.79 8.68 10.90
N LEU B 132 28.41 8.50 9.75
CA LEU B 132 28.83 7.16 9.31
C LEU B 132 29.79 6.58 10.35
N VAL B 133 30.61 7.45 10.93
CA VAL B 133 31.58 7.03 11.94
C VAL B 133 30.86 6.49 13.17
N GLU B 134 29.81 7.19 13.60
CA GLU B 134 29.03 6.78 14.75
C GLU B 134 28.18 5.57 14.42
N LEU B 135 27.68 5.52 13.18
CA LEU B 135 26.85 4.41 12.74
C LEU B 135 27.64 3.12 12.67
N ASP B 136 28.87 3.20 12.16
CA ASP B 136 29.72 2.03 12.06
C ASP B 136 30.10 1.56 13.45
N LYS B 137 30.22 2.50 14.39
CA LYS B 137 30.56 2.16 15.76
C LYS B 137 29.40 1.36 16.34
N LEU B 138 28.18 1.79 16.02
CA LEU B 138 26.98 1.11 16.49
C LEU B 138 26.90 -0.30 15.90
N ARG B 139 27.12 -0.41 14.60
CA ARG B 139 27.07 -1.70 13.92
C ARG B 139 28.00 -2.71 14.58
N LYS B 140 29.17 -2.24 15.01
CA LYS B 140 30.15 -3.09 15.66
C LYS B 140 29.68 -3.57 17.03
N GLN B 141 28.61 -2.95 17.54
CA GLN B 141 28.05 -3.32 18.84
C GLN B 141 26.88 -4.29 18.69
N CYS B 142 26.58 -4.66 17.45
CA CYS B 142 25.49 -5.58 17.17
C CYS B 142 25.99 -7.01 17.06
N PRO B 143 25.48 -7.93 17.90
CA PRO B 143 25.89 -9.33 17.87
C PRO B 143 25.70 -9.95 16.48
N ASP B 144 26.58 -10.89 16.12
CA ASP B 144 26.51 -11.54 14.82
C ASP B 144 25.23 -12.33 14.62
N ASP B 145 24.61 -12.76 15.71
CA ASP B 145 23.37 -13.53 15.61
C ASP B 145 22.13 -12.63 15.68
N THR B 146 22.34 -11.33 15.51
CA THR B 146 21.24 -10.37 15.54
C THR B 146 20.31 -10.64 14.36
N GLN B 147 19.02 -10.78 14.62
CA GLN B 147 18.05 -11.07 13.57
C GLN B 147 17.33 -9.85 13.00
N VAL B 148 17.29 -8.77 13.77
CA VAL B 148 16.60 -7.57 13.31
C VAL B 148 17.09 -6.33 14.04
N ILE B 149 17.00 -5.18 13.37
CA ILE B 149 17.41 -3.91 13.94
C ILE B 149 16.15 -3.09 14.20
N ILE B 150 15.95 -2.67 15.44
CA ILE B 150 14.79 -1.88 15.79
C ILE B 150 15.16 -0.45 16.17
N GLY B 151 14.71 0.50 15.35
CA GLY B 151 15.00 1.90 15.61
C GLY B 151 13.79 2.57 16.24
N VAL B 152 13.98 3.18 17.41
CA VAL B 152 12.89 3.84 18.11
C VAL B 152 13.19 5.32 18.34
N GLY B 153 12.36 6.20 17.78
CA GLY B 153 12.58 7.62 17.96
C GLY B 153 12.33 8.50 16.74
N GLY B 154 13.15 9.52 16.57
CA GLY B 154 12.99 10.43 15.45
C GLY B 154 13.76 10.05 14.20
N GLY B 155 13.72 10.94 13.21
CA GLY B 155 14.39 10.72 11.94
C GLY B 155 15.82 10.23 11.98
N LYS B 156 16.66 10.86 12.78
CA LYS B 156 18.06 10.45 12.88
C LYS B 156 18.17 9.01 13.36
N THR B 157 17.39 8.65 14.37
CA THR B 157 17.43 7.28 14.89
C THR B 157 16.87 6.31 13.86
N MET B 158 15.78 6.71 13.21
CA MET B 158 15.16 5.85 12.21
C MET B 158 16.08 5.62 11.02
N ASP B 159 16.78 6.65 10.58
CA ASP B 159 17.69 6.51 9.46
C ASP B 159 18.93 5.68 9.84
N SER B 160 19.36 5.83 11.08
CA SER B 160 20.52 5.07 11.55
C SER B 160 20.17 3.59 11.57
N ALA B 161 18.94 3.28 11.97
CA ALA B 161 18.47 1.91 12.03
C ALA B 161 18.41 1.27 10.64
N LYS B 162 17.91 2.03 9.67
CA LYS B 162 17.81 1.54 8.30
C LYS B 162 19.19 1.28 7.72
N TYR B 163 20.12 2.18 8.00
CA TYR B 163 21.49 2.06 7.52
C TYR B 163 22.15 0.80 8.06
N ILE B 164 22.11 0.63 9.39
CA ILE B 164 22.71 -0.54 10.02
C ILE B 164 22.09 -1.83 9.53
N ALA B 165 20.75 -1.88 9.46
CA ALA B 165 20.05 -3.06 9.01
C ALA B 165 20.46 -3.41 7.58
N HIS B 166 20.56 -2.40 6.72
CA HIS B 166 20.96 -2.62 5.34
C HIS B 166 22.39 -3.12 5.31
N SER B 167 23.25 -2.53 6.13
CA SER B 167 24.66 -2.91 6.19
C SER B 167 24.83 -4.37 6.64
N MET B 168 23.88 -4.87 7.41
CA MET B 168 23.96 -6.24 7.92
C MET B 168 23.03 -7.21 7.18
N ASN B 169 22.40 -6.72 6.13
CA ASN B 169 21.47 -7.52 5.33
C ASN B 169 20.37 -8.09 6.24
N LEU B 170 19.88 -7.27 7.15
CA LEU B 170 18.84 -7.68 8.09
C LEU B 170 17.57 -6.85 7.94
N PRO B 171 16.42 -7.40 8.36
CA PRO B 171 15.16 -6.67 8.27
C PRO B 171 15.20 -5.53 9.30
N SER B 172 14.38 -4.51 9.10
CA SER B 172 14.35 -3.39 10.01
C SER B 172 12.95 -3.11 10.51
N ILE B 173 12.87 -2.62 11.75
CA ILE B 173 11.61 -2.27 12.37
C ILE B 173 11.78 -0.82 12.84
N ILE B 174 10.94 0.06 12.28
CA ILE B 174 11.01 1.49 12.57
C ILE B 174 9.84 1.91 13.47
N CYS B 175 10.16 2.52 14.60
CA CYS B 175 9.14 2.95 15.56
C CYS B 175 9.19 4.44 15.84
N PRO B 176 8.47 5.24 15.04
CA PRO B 176 8.48 6.69 15.26
C PRO B 176 7.84 7.03 16.60
N THR B 177 8.42 8.00 17.31
CA THR B 177 7.89 8.41 18.61
C THR B 177 7.11 9.72 18.53
N THR B 178 7.03 10.26 17.32
CA THR B 178 6.27 11.47 17.05
C THR B 178 5.77 11.29 15.62
N ALA B 179 4.76 12.03 15.23
CA ALA B 179 4.22 11.90 13.87
C ALA B 179 4.51 13.23 13.18
N SER B 180 5.80 13.58 13.08
CA SER B 180 6.20 14.85 12.48
C SER B 180 6.67 14.87 11.03
N SER B 181 6.76 13.70 10.41
CA SER B 181 7.18 13.60 9.00
C SER B 181 6.76 12.23 8.50
N ASP B 182 6.86 12.01 7.19
CA ASP B 182 6.49 10.72 6.62
C ASP B 182 7.72 9.90 6.24
N ALA B 183 8.83 10.14 6.93
CA ALA B 183 10.07 9.42 6.65
C ALA B 183 10.05 7.96 7.09
N ALA B 184 9.29 7.65 8.13
CA ALA B 184 9.22 6.32 8.69
C ALA B 184 9.12 5.15 7.69
N THR B 185 8.14 5.18 6.82
CA THR B 185 7.92 4.09 5.87
C THR B 185 8.80 4.07 4.63
N SER B 186 9.54 5.14 4.37
CA SER B 186 10.33 5.22 3.14
C SER B 186 11.65 4.47 3.05
N SER B 187 12.06 4.23 1.81
CA SER B 187 13.30 3.53 1.49
C SER B 187 14.38 4.58 1.30
N LEU B 188 14.06 5.82 1.63
CA LEU B 188 15.01 6.93 1.47
C LEU B 188 15.72 7.29 2.76
N SER B 189 16.78 8.07 2.60
CA SER B 189 17.57 8.57 3.72
C SER B 189 18.16 9.90 3.29
N VAL B 190 17.70 10.97 3.94
CA VAL B 190 18.18 12.30 3.61
C VAL B 190 19.62 12.45 4.09
N ILE B 191 20.49 12.81 3.17
CA ILE B 191 21.91 13.01 3.49
C ILE B 191 22.22 14.50 3.49
N TYR B 192 22.69 15.01 4.62
CA TYR B 192 23.01 16.42 4.75
C TYR B 192 24.35 16.61 5.46
N THR B 193 25.09 17.63 5.05
CA THR B 193 26.38 17.94 5.65
C THR B 193 26.17 18.24 7.14
N PRO B 194 27.26 18.28 7.93
CA PRO B 194 27.13 18.57 9.35
C PRO B 194 26.55 19.94 9.67
N ASP B 195 26.42 20.77 8.63
CA ASP B 195 25.86 22.11 8.79
C ASP B 195 24.33 22.06 8.69
N GLY B 196 23.82 20.98 8.11
CA GLY B 196 22.38 20.83 7.95
C GLY B 196 21.95 20.90 6.50
N GLN B 197 22.81 21.46 5.66
CA GLN B 197 22.54 21.61 4.23
C GLN B 197 22.30 20.27 3.54
N PHE B 198 21.18 20.17 2.82
CA PHE B 198 20.81 18.96 2.10
C PHE B 198 21.78 18.67 0.96
N GLN B 199 22.16 17.40 0.83
CA GLN B 199 23.10 16.97 -0.21
C GLN B 199 22.40 16.18 -1.31
N LYS B 200 21.74 15.09 -0.92
CA LYS B 200 21.04 14.25 -1.89
C LYS B 200 20.19 13.18 -1.21
N TYR B 201 19.43 12.43 -2.01
CA TYR B 201 18.58 11.37 -1.49
C TYR B 201 19.23 10.02 -1.75
N SER B 202 19.32 9.20 -0.70
CA SER B 202 19.89 7.87 -0.83
C SER B 202 18.71 6.90 -0.83
N PHE B 203 18.74 5.91 -1.72
CA PHE B 203 17.67 4.93 -1.81
C PHE B 203 18.10 3.52 -1.43
N TYR B 204 17.26 2.84 -0.67
CA TYR B 204 17.54 1.46 -0.28
C TYR B 204 16.74 0.60 -1.24
N PRO B 205 17.23 -0.62 -1.53
CA PRO B 205 16.52 -1.50 -2.46
C PRO B 205 15.12 -1.91 -1.99
N LEU B 206 14.91 -1.95 -0.68
CA LEU B 206 13.62 -2.33 -0.12
C LEU B 206 13.21 -1.36 0.99
N ASN B 207 11.92 -1.33 1.30
CA ASN B 207 11.40 -0.45 2.36
C ASN B 207 11.61 -1.12 3.71
N PRO B 208 11.53 -0.33 4.80
CA PRO B 208 11.71 -0.94 6.13
C PRO B 208 10.64 -2.01 6.20
N ASN B 209 10.87 -3.08 6.95
CA ASN B 209 9.91 -4.16 7.01
C ASN B 209 8.65 -3.88 7.81
N LEU B 210 8.81 -3.21 8.95
CA LEU B 210 7.67 -2.88 9.80
C LEU B 210 7.77 -1.48 10.37
N ILE B 211 6.67 -0.74 10.29
CA ILE B 211 6.59 0.59 10.88
C ILE B 211 5.64 0.32 12.05
N PHE B 212 6.13 0.54 13.25
CA PHE B 212 5.39 0.24 14.48
C PHE B 212 5.20 1.51 15.28
N ILE B 213 3.94 1.91 15.47
CA ILE B 213 3.64 3.16 16.17
C ILE B 213 2.74 2.99 17.39
N ASP B 214 3.19 3.50 18.53
CA ASP B 214 2.40 3.45 19.76
C ASP B 214 1.80 4.85 19.89
N THR B 215 0.50 4.95 19.69
CA THR B 215 -0.18 6.25 19.74
C THR B 215 -0.27 6.89 21.13
N ASP B 216 0.04 6.14 22.18
CA ASP B 216 0.01 6.73 23.51
C ASP B 216 1.26 7.60 23.62
N VAL B 217 2.32 7.17 22.95
CA VAL B 217 3.56 7.93 22.94
C VAL B 217 3.35 9.18 22.06
N ILE B 218 2.68 8.98 20.94
CA ILE B 218 2.43 10.08 20.02
C ILE B 218 1.54 11.17 20.63
N VAL B 219 0.46 10.77 21.30
CA VAL B 219 -0.46 11.75 21.88
C VAL B 219 0.16 12.54 23.04
N ARG B 220 1.20 11.97 23.66
CA ARG B 220 1.87 12.63 24.79
C ARG B 220 2.93 13.64 24.34
N ALA B 221 3.30 13.61 23.06
CA ALA B 221 4.31 14.52 22.56
C ALA B 221 3.70 15.90 22.30
N PRO B 222 4.53 16.97 22.34
CA PRO B 222 4.05 18.32 22.08
C PRO B 222 3.32 18.37 20.74
N VAL B 223 2.17 19.02 20.70
CA VAL B 223 1.39 19.10 19.47
C VAL B 223 2.12 19.76 18.29
N ARG B 224 3.19 20.51 18.57
CA ARG B 224 3.94 21.14 17.49
C ARG B 224 4.45 20.02 16.55
N PHE B 225 4.79 18.87 17.12
CA PHE B 225 5.29 17.75 16.32
C PHE B 225 4.24 17.22 15.34
N LEU B 226 3.02 17.03 15.83
CA LEU B 226 1.93 16.54 14.99
C LEU B 226 1.68 17.52 13.85
N ILE B 227 1.67 18.80 14.18
CA ILE B 227 1.43 19.85 13.20
C ILE B 227 2.51 19.83 12.12
N SER B 228 3.76 19.56 12.51
CA SER B 228 4.83 19.49 11.55
C SER B 228 4.54 18.33 10.59
N GLY B 229 4.04 17.23 11.13
CA GLY B 229 3.69 16.08 10.31
C GLY B 229 2.54 16.38 9.38
N ILE B 230 1.63 17.25 9.81
CA ILE B 230 0.50 17.63 8.97
C ILE B 230 1.05 18.47 7.81
N GLY B 231 2.01 19.32 8.12
CA GLY B 231 2.62 20.15 7.10
C GLY B 231 3.30 19.30 6.04
N ASP B 232 3.96 18.24 6.49
CA ASP B 232 4.64 17.34 5.57
C ASP B 232 3.59 16.57 4.78
N ALA B 233 2.55 16.10 5.46
CA ALA B 233 1.50 15.33 4.81
C ALA B 233 0.74 16.16 3.76
N LEU B 234 0.58 17.46 4.02
CA LEU B 234 -0.12 18.32 3.07
C LEU B 234 0.56 18.43 1.71
N SER B 235 1.89 18.29 1.66
CA SER B 235 2.59 18.40 0.39
C SER B 235 2.49 17.13 -0.47
N THR B 236 2.18 16.00 0.17
CA THR B 236 2.09 14.74 -0.54
C THR B 236 1.19 14.75 -1.77
N TRP B 237 -0.07 15.12 -1.59
CA TRP B 237 -0.99 15.15 -2.72
C TRP B 237 -0.52 16.14 -3.78
N VAL B 238 -0.10 17.32 -3.35
CA VAL B 238 0.36 18.34 -4.29
C VAL B 238 1.53 17.86 -5.12
N GLU B 239 2.57 17.35 -4.47
CA GLU B 239 3.76 16.91 -5.19
C GLU B 239 3.50 15.67 -6.04
N THR B 240 2.87 14.66 -5.47
CA THR B 240 2.59 13.44 -6.23
C THR B 240 1.71 13.71 -7.44
N GLU B 241 0.70 14.55 -7.30
CA GLU B 241 -0.15 14.86 -8.46
C GLU B 241 0.72 15.51 -9.54
N SER B 242 1.66 16.34 -9.13
CA SER B 242 2.56 17.03 -10.06
C SER B 242 3.48 16.06 -10.80
N VAL B 243 3.98 15.06 -10.08
CA VAL B 243 4.86 14.05 -10.68
C VAL B 243 4.07 13.18 -11.65
N ILE B 244 2.89 12.74 -11.22
CA ILE B 244 2.04 11.91 -12.05
C ILE B 244 1.56 12.61 -13.32
N ARG B 245 1.08 13.85 -13.16
CA ARG B 245 0.59 14.61 -14.30
C ARG B 245 1.71 15.01 -15.26
N SER B 246 2.94 15.01 -14.78
CA SER B 246 4.09 15.34 -15.61
C SER B 246 4.62 14.06 -16.26
N ASN B 247 4.03 12.92 -15.90
CA ASN B 247 4.43 11.62 -16.42
C ASN B 247 5.92 11.35 -16.16
N SER B 248 6.38 11.71 -14.96
CA SER B 248 7.77 11.51 -14.59
C SER B 248 7.91 10.22 -13.79
N THR B 249 9.12 9.68 -13.74
CA THR B 249 9.38 8.46 -12.99
C THR B 249 9.06 8.67 -11.53
N SER B 250 8.41 7.69 -10.91
CA SER B 250 8.03 7.78 -9.50
C SER B 250 9.22 7.53 -8.59
N PHE B 251 9.03 7.78 -7.30
CA PHE B 251 10.10 7.54 -6.33
C PHE B 251 10.21 6.05 -6.05
N ALA B 252 9.38 5.26 -6.72
CA ALA B 252 9.40 3.80 -6.57
C ALA B 252 10.25 3.23 -7.71
N GLY B 253 10.61 4.10 -8.65
CA GLY B 253 11.46 3.69 -9.76
C GLY B 253 10.82 3.39 -11.10
N GLY B 254 9.51 3.62 -11.24
CA GLY B 254 8.86 3.33 -12.50
C GLY B 254 7.67 4.24 -12.75
N VAL B 255 6.76 3.79 -13.60
CA VAL B 255 5.56 4.57 -13.89
C VAL B 255 4.71 4.51 -12.63
N ALA B 256 4.08 5.63 -12.28
CA ALA B 256 3.25 5.70 -11.10
C ALA B 256 2.03 4.78 -11.19
N SER B 257 1.77 4.06 -10.10
CA SER B 257 0.62 3.16 -10.04
C SER B 257 -0.62 3.99 -9.68
N ILE B 258 -1.80 3.44 -9.97
CA ILE B 258 -3.04 4.12 -9.64
C ILE B 258 -3.23 4.05 -8.13
N ALA B 259 -2.85 2.92 -7.54
CA ALA B 259 -2.98 2.72 -6.10
C ALA B 259 -2.27 3.81 -5.31
N GLY B 260 -1.04 4.14 -5.71
CA GLY B 260 -0.30 5.17 -5.01
C GLY B 260 -1.02 6.51 -5.07
N ARG B 261 -1.61 6.80 -6.21
CA ARG B 261 -2.32 8.06 -6.40
C ARG B 261 -3.53 8.14 -5.47
N TYR B 262 -4.20 7.02 -5.25
CA TYR B 262 -5.37 7.00 -4.37
C TYR B 262 -4.97 7.09 -2.91
N ILE B 263 -3.79 6.58 -2.57
CA ILE B 263 -3.33 6.67 -1.18
C ILE B 263 -2.97 8.13 -0.89
N ALA B 264 -2.47 8.83 -1.90
CA ALA B 264 -2.13 10.25 -1.74
C ALA B 264 -3.45 11.00 -1.52
N ARG B 265 -4.49 10.58 -2.23
CA ARG B 265 -5.80 11.21 -2.10
C ARG B 265 -6.34 10.93 -0.70
N ALA B 266 -6.13 9.71 -0.21
CA ALA B 266 -6.58 9.33 1.12
C ALA B 266 -5.95 10.27 2.14
N CYS B 267 -4.68 10.60 1.92
CA CYS B 267 -3.97 11.50 2.80
C CYS B 267 -4.67 12.88 2.81
N LYS B 268 -4.83 13.46 1.63
CA LYS B 268 -5.48 14.76 1.48
C LYS B 268 -6.85 14.79 2.14
N ASP B 269 -7.68 13.80 1.81
CA ASP B 269 -9.03 13.72 2.36
C ASP B 269 -9.08 13.59 3.88
N THR B 270 -8.19 12.77 4.43
CA THR B 270 -8.15 12.56 5.88
C THR B 270 -7.75 13.83 6.62
N LEU B 271 -6.77 14.56 6.08
CA LEU B 271 -6.34 15.79 6.71
C LEU B 271 -7.47 16.81 6.71
N GLU B 272 -8.17 16.92 5.58
CA GLU B 272 -9.27 17.85 5.46
C GLU B 272 -10.35 17.59 6.49
N LYS B 273 -10.65 16.31 6.72
CA LYS B 273 -11.69 15.94 7.68
C LYS B 273 -11.24 15.97 9.13
N TYR B 274 -10.03 15.49 9.39
CA TYR B 274 -9.56 15.35 10.76
C TYR B 274 -8.34 16.11 11.28
N ALA B 275 -7.65 16.87 10.44
CA ALA B 275 -6.46 17.58 10.93
C ALA B 275 -6.68 18.44 12.18
N LEU B 276 -7.68 19.32 12.15
CA LEU B 276 -7.92 20.18 13.31
C LEU B 276 -8.42 19.42 14.53
N SER B 277 -9.22 18.38 14.33
CA SER B 277 -9.72 17.63 15.47
C SER B 277 -8.58 16.81 16.09
N ALA B 278 -7.63 16.38 15.27
CA ALA B 278 -6.46 15.64 15.77
C ALA B 278 -5.59 16.61 16.57
N ILE B 279 -5.44 17.82 16.04
CA ILE B 279 -4.65 18.84 16.72
C ILE B 279 -5.25 19.13 18.11
N LEU B 280 -6.56 19.38 18.15
CA LEU B 280 -7.22 19.65 19.42
C LEU B 280 -7.07 18.45 20.36
N SER B 281 -7.24 17.25 19.80
CA SER B 281 -7.11 16.02 20.59
C SER B 281 -5.71 15.91 21.21
N ASN B 282 -4.68 16.07 20.38
CA ASN B 282 -3.28 15.99 20.82
C ASN B 282 -3.05 17.02 21.93
N THR B 283 -3.52 18.25 21.70
CA THR B 283 -3.37 19.31 22.69
C THR B 283 -4.01 18.93 24.03
N ARG B 284 -5.19 18.32 23.97
CA ARG B 284 -5.91 17.92 25.17
C ARG B 284 -5.38 16.59 25.72
N GLY B 285 -4.47 15.96 24.98
CA GLY B 285 -3.92 14.70 25.42
C GLY B 285 -4.83 13.50 25.30
N VAL B 286 -5.82 13.56 24.41
CA VAL B 286 -6.75 12.46 24.24
C VAL B 286 -6.56 11.77 22.89
N CYS B 287 -6.49 10.45 22.93
CA CYS B 287 -6.26 9.63 21.75
C CYS B 287 -7.57 9.24 21.06
N THR B 288 -8.22 10.21 20.42
CA THR B 288 -9.48 9.97 19.71
C THR B 288 -9.21 9.26 18.39
N GLU B 289 -10.26 8.75 17.74
CA GLU B 289 -10.08 8.08 16.46
C GLU B 289 -9.63 9.13 15.45
N ALA B 290 -10.10 10.35 15.62
CA ALA B 290 -9.72 11.44 14.73
C ALA B 290 -8.20 11.62 14.79
N PHE B 291 -7.66 11.62 16.00
CA PHE B 291 -6.22 11.76 16.20
C PHE B 291 -5.52 10.59 15.52
N GLU B 292 -6.02 9.37 15.78
CA GLU B 292 -5.43 8.18 15.17
C GLU B 292 -5.48 8.25 13.64
N ASN B 293 -6.53 8.85 13.10
CA ASN B 293 -6.66 8.95 11.65
C ASN B 293 -5.52 9.79 11.06
N VAL B 294 -5.21 10.89 11.75
CA VAL B 294 -4.15 11.78 11.28
C VAL B 294 -2.78 11.14 11.47
N VAL B 295 -2.63 10.31 12.50
CA VAL B 295 -1.35 9.64 12.70
C VAL B 295 -1.17 8.74 11.48
N GLU B 296 -2.25 8.08 11.05
CA GLU B 296 -2.16 7.22 9.88
C GLU B 296 -1.87 8.05 8.62
N ALA B 297 -2.54 9.20 8.49
CA ALA B 297 -2.33 10.06 7.34
C ALA B 297 -0.90 10.59 7.28
N ASN B 298 -0.39 11.00 8.44
CA ASN B 298 0.96 11.56 8.53
C ASN B 298 2.05 10.52 8.28
N THR B 299 1.77 9.27 8.62
CA THR B 299 2.75 8.21 8.50
C THR B 299 2.56 7.26 7.33
N LEU B 300 1.51 6.45 7.38
CA LEU B 300 1.26 5.49 6.31
C LEU B 300 0.83 6.12 4.98
N MET B 301 -0.24 6.90 4.99
CA MET B 301 -0.73 7.51 3.76
C MET B 301 0.27 8.46 3.11
N SER B 302 0.77 9.41 3.87
CA SER B 302 1.74 10.34 3.31
C SER B 302 2.98 9.58 2.83
N GLY B 303 3.40 8.59 3.61
CA GLY B 303 4.57 7.80 3.24
C GLY B 303 4.42 7.05 1.94
N LEU B 304 3.40 6.21 1.83
CA LEU B 304 3.17 5.45 0.61
C LEU B 304 2.76 6.35 -0.54
N GLY B 305 2.05 7.43 -0.19
CA GLY B 305 1.58 8.37 -1.19
C GLY B 305 2.69 9.14 -1.89
N PHE B 306 3.74 9.49 -1.15
CA PHE B 306 4.84 10.22 -1.75
C PHE B 306 5.85 9.29 -2.44
N GLU B 307 6.21 8.18 -1.81
CA GLU B 307 7.19 7.29 -2.41
C GLU B 307 6.69 6.61 -3.68
N ASN B 308 5.40 6.29 -3.73
CA ASN B 308 4.83 5.65 -4.90
C ASN B 308 4.41 6.67 -5.94
N GLY B 309 4.43 7.93 -5.52
CA GLY B 309 4.13 9.04 -6.41
C GLY B 309 5.49 9.68 -6.60
N GLY B 310 5.71 10.80 -5.90
CA GLY B 310 7.01 11.45 -6.01
C GLY B 310 7.06 12.81 -5.37
N LEU B 311 8.27 13.32 -5.19
CA LEU B 311 8.49 14.65 -4.63
C LEU B 311 8.64 15.60 -5.81
N ALA B 312 8.35 16.88 -5.58
CA ALA B 312 8.47 17.85 -6.65
C ALA B 312 9.13 19.14 -6.15
N ALA B 313 8.48 20.28 -6.39
CA ALA B 313 9.05 21.56 -5.98
C ALA B 313 9.05 21.79 -4.47
N ALA B 314 7.95 21.45 -3.80
CA ALA B 314 7.83 21.67 -2.37
C ALA B 314 9.06 21.25 -1.56
N HIS B 315 9.44 19.98 -1.68
CA HIS B 315 10.60 19.50 -0.94
C HIS B 315 11.93 20.07 -1.43
N ALA B 316 12.02 20.33 -2.72
CA ALA B 316 13.23 20.92 -3.27
C ALA B 316 13.41 22.31 -2.65
N ILE B 317 12.29 23.01 -2.49
CA ILE B 317 12.30 24.35 -1.90
C ILE B 317 12.67 24.24 -0.43
N HIS B 318 12.17 23.19 0.24
CA HIS B 318 12.50 22.98 1.64
C HIS B 318 14.01 22.83 1.78
N ASN B 319 14.63 22.07 0.88
CA ASN B 319 16.07 21.85 0.91
C ASN B 319 16.82 23.14 0.62
N GLY B 320 16.30 23.95 -0.28
CA GLY B 320 16.95 25.21 -0.61
C GLY B 320 16.91 26.17 0.57
N MET B 321 15.79 26.19 1.28
CA MET B 321 15.60 27.06 2.44
C MET B 321 16.62 26.82 3.53
N THR B 322 16.95 25.55 3.75
CA THR B 322 17.92 25.20 4.79
C THR B 322 19.23 25.94 4.56
N ALA B 323 19.50 26.30 3.31
CA ALA B 323 20.73 26.99 2.95
C ALA B 323 20.73 28.42 3.49
N ILE B 324 19.58 28.90 3.97
CA ILE B 324 19.49 30.24 4.52
C ILE B 324 20.16 30.27 5.89
N HIS B 325 20.01 29.17 6.63
CA HIS B 325 20.57 29.05 7.96
C HIS B 325 19.98 30.10 8.89
N GLY B 326 20.77 30.63 9.81
CA GLY B 326 20.25 31.62 10.74
C GLY B 326 19.21 30.92 11.61
N PRO B 327 18.03 31.52 11.82
CA PRO B 327 16.99 30.90 12.65
C PRO B 327 16.30 29.71 11.99
N VAL B 328 16.54 29.53 10.69
CA VAL B 328 15.93 28.44 9.94
C VAL B 328 16.22 27.05 10.53
N HIS B 329 17.25 26.95 11.36
CA HIS B 329 17.59 25.67 11.97
C HIS B 329 16.62 25.30 13.09
N ARG B 330 15.80 26.26 13.50
CA ARG B 330 14.83 26.05 14.56
C ARG B 330 13.49 25.57 14.02
N LEU B 331 13.34 25.60 12.70
CA LEU B 331 12.11 25.15 12.06
C LEU B 331 12.10 23.63 11.90
N MET B 332 10.94 23.03 12.10
CA MET B 332 10.82 21.58 11.93
C MET B 332 10.61 21.32 10.44
N HIS B 333 10.89 20.10 10.02
CA HIS B 333 10.74 19.71 8.62
C HIS B 333 9.40 20.10 7.99
N GLY B 334 8.31 19.70 8.64
CA GLY B 334 6.99 20.02 8.12
C GLY B 334 6.65 21.50 8.06
N GLU B 335 7.22 22.28 8.96
CA GLU B 335 6.96 23.71 8.97
C GLU B 335 7.55 24.33 7.71
N LYS B 336 8.70 23.83 7.31
CA LYS B 336 9.35 24.33 6.10
C LYS B 336 8.64 23.78 4.85
N VAL B 337 8.27 22.50 4.89
CA VAL B 337 7.59 21.88 3.76
C VAL B 337 6.25 22.55 3.44
N ALA B 338 5.52 22.93 4.49
CA ALA B 338 4.24 23.59 4.28
C ALA B 338 4.45 24.88 3.50
N TYR B 339 5.42 25.70 3.90
CA TYR B 339 5.68 26.93 3.18
C TYR B 339 6.10 26.59 1.75
N GLY B 340 6.94 25.57 1.61
CA GLY B 340 7.41 25.14 0.31
C GLY B 340 6.26 24.68 -0.59
N THR B 341 5.23 24.13 0.02
CA THR B 341 4.07 23.67 -0.74
C THR B 341 3.32 24.88 -1.30
N LEU B 342 3.23 25.95 -0.52
CA LEU B 342 2.58 27.16 -1.00
C LEU B 342 3.39 27.74 -2.15
N VAL B 343 4.72 27.62 -2.05
CA VAL B 343 5.57 28.12 -3.11
C VAL B 343 5.29 27.31 -4.38
N GLN B 344 5.13 26.00 -4.24
CA GLN B 344 4.84 25.18 -5.42
C GLN B 344 3.52 25.61 -6.03
N VAL B 345 2.58 26.01 -5.18
CA VAL B 345 1.26 26.45 -5.65
C VAL B 345 1.41 27.69 -6.51
N VAL B 346 2.37 28.54 -6.15
CA VAL B 346 2.62 29.76 -6.92
C VAL B 346 3.26 29.36 -8.24
N LEU B 347 4.21 28.42 -8.20
CA LEU B 347 4.88 27.95 -9.40
C LEU B 347 3.91 27.22 -10.33
N GLU B 348 2.91 26.56 -9.74
CA GLU B 348 1.92 25.85 -10.55
C GLU B 348 0.84 26.81 -11.09
N ASP B 349 0.91 28.07 -10.67
CA ASP B 349 -0.01 29.10 -11.14
C ASP B 349 -1.48 28.88 -10.76
N TRP B 350 -1.75 28.42 -9.54
CA TRP B 350 -3.14 28.23 -9.11
C TRP B 350 -3.76 29.61 -8.97
N PRO B 351 -5.07 29.74 -9.25
CA PRO B 351 -5.71 31.05 -9.09
C PRO B 351 -5.57 31.41 -7.62
N LEU B 352 -5.56 32.70 -7.30
CA LEU B 352 -5.41 33.12 -5.91
C LEU B 352 -6.40 32.48 -4.94
N GLU B 353 -7.67 32.34 -5.34
CA GLU B 353 -8.66 31.74 -4.44
C GLU B 353 -8.22 30.35 -3.98
N ASP B 354 -7.66 29.56 -4.88
CA ASP B 354 -7.20 28.22 -4.54
C ASP B 354 -5.98 28.26 -3.62
N PHE B 355 -5.13 29.27 -3.81
CA PHE B 355 -3.98 29.40 -2.94
C PHE B 355 -4.52 29.71 -1.55
N ASN B 356 -5.47 30.63 -1.47
CA ASN B 356 -6.06 31.01 -0.19
C ASN B 356 -6.69 29.83 0.55
N ASN B 357 -7.34 28.93 -0.19
CA ASN B 357 -7.96 27.79 0.46
C ASN B 357 -6.92 26.93 1.18
N LEU B 358 -5.75 26.76 0.57
CA LEU B 358 -4.69 25.95 1.18
C LEU B 358 -4.00 26.73 2.30
N ALA B 359 -3.67 27.99 2.04
CA ALA B 359 -3.01 28.81 3.05
C ALA B 359 -3.88 28.96 4.29
N SER B 360 -5.19 29.11 4.11
CA SER B 360 -6.10 29.26 5.25
C SER B 360 -6.10 27.99 6.08
N PHE B 361 -6.07 26.84 5.40
CA PHE B 361 -6.06 25.55 6.09
C PHE B 361 -4.79 25.43 6.92
N MET B 362 -3.66 25.78 6.33
CA MET B 362 -2.38 25.72 7.02
C MET B 362 -2.41 26.65 8.24
N ALA B 363 -2.97 27.83 8.07
CA ALA B 363 -3.06 28.80 9.15
C ALA B 363 -3.88 28.24 10.31
N LYS B 364 -5.00 27.57 9.99
CA LYS B 364 -5.85 27.00 11.04
C LYS B 364 -5.12 25.91 11.82
N CYS B 365 -4.17 25.24 11.15
CA CYS B 365 -3.39 24.18 11.77
C CYS B 365 -2.18 24.72 12.52
N HIS B 366 -2.01 26.04 12.46
CA HIS B 366 -0.89 26.72 13.13
C HIS B 366 0.45 26.52 12.43
N LEU B 367 0.42 26.44 11.11
CA LEU B 367 1.63 26.30 10.32
C LEU B 367 1.99 27.69 9.81
N PRO B 368 3.30 28.00 9.73
CA PRO B 368 3.71 29.32 9.25
C PRO B 368 3.47 29.49 7.75
N ILE B 369 2.88 30.62 7.37
CA ILE B 369 2.61 30.89 5.96
C ILE B 369 3.22 32.20 5.49
N THR B 370 4.04 32.80 6.34
CA THR B 370 4.70 34.06 6.01
C THR B 370 6.17 34.00 6.42
N LEU B 371 6.99 34.84 5.80
CA LEU B 371 8.41 34.89 6.12
C LEU B 371 8.59 35.34 7.56
N GLU B 372 7.69 36.20 8.03
CA GLU B 372 7.74 36.69 9.39
C GLU B 372 7.64 35.52 10.36
N GLU B 373 6.65 34.65 10.14
CA GLU B 373 6.46 33.49 11.01
C GLU B 373 7.62 32.50 10.91
N LEU B 374 8.18 32.36 9.71
CA LEU B 374 9.31 31.46 9.52
C LEU B 374 10.51 31.97 10.29
N GLY B 375 10.46 33.23 10.70
CA GLY B 375 11.55 33.83 11.45
C GLY B 375 12.62 34.51 10.62
N ILE B 376 12.35 34.71 9.33
CA ILE B 376 13.30 35.35 8.43
C ILE B 376 12.67 36.47 7.61
N PRO B 377 12.01 37.43 8.27
CA PRO B 377 11.36 38.55 7.58
C PRO B 377 12.30 39.42 6.76
N ASN B 378 13.55 39.51 7.19
CA ASN B 378 14.53 40.34 6.49
C ASN B 378 15.40 39.59 5.48
N VAL B 379 14.99 38.38 5.10
CA VAL B 379 15.77 37.61 4.14
C VAL B 379 15.98 38.46 2.88
N THR B 380 17.22 38.51 2.39
CA THR B 380 17.56 39.33 1.22
C THR B 380 17.30 38.66 -0.13
N ASP B 381 17.21 39.47 -1.17
CA ASP B 381 16.96 38.93 -2.51
C ASP B 381 18.12 38.03 -2.91
N GLU B 382 19.33 38.38 -2.49
CA GLU B 382 20.49 37.57 -2.83
C GLU B 382 20.43 36.22 -2.12
N GLU B 383 19.90 36.21 -0.90
CA GLU B 383 19.78 34.96 -0.16
C GLU B 383 18.71 34.11 -0.82
N LEU B 384 17.65 34.74 -1.31
CA LEU B 384 16.59 33.99 -1.97
C LEU B 384 17.07 33.42 -3.30
N LEU B 385 17.97 34.14 -3.97
CA LEU B 385 18.50 33.64 -5.24
C LEU B 385 19.36 32.43 -4.94
N MET B 386 20.01 32.46 -3.77
CA MET B 386 20.85 31.36 -3.32
C MET B 386 19.95 30.14 -3.08
N VAL B 387 18.76 30.37 -2.54
CA VAL B 387 17.82 29.28 -2.30
C VAL B 387 17.36 28.74 -3.64
N GLY B 388 17.11 29.64 -4.58
CA GLY B 388 16.66 29.24 -5.90
C GLY B 388 17.68 28.33 -6.57
N ARG B 389 18.94 28.71 -6.48
CA ARG B 389 20.00 27.92 -7.08
C ARG B 389 20.07 26.54 -6.41
N ALA B 390 19.97 26.52 -5.08
CA ALA B 390 20.01 25.25 -4.35
C ALA B 390 18.81 24.38 -4.72
N THR B 391 17.65 25.02 -4.87
CA THR B 391 16.42 24.31 -5.22
C THR B 391 16.52 23.65 -6.60
N LEU B 392 17.21 24.30 -7.52
CA LEU B 392 17.32 23.79 -8.88
C LEU B 392 18.52 22.88 -9.19
N ARG B 393 19.23 22.43 -8.16
CA ARG B 393 20.37 21.53 -8.38
C ARG B 393 19.90 20.31 -9.17
N PRO B 394 20.78 19.76 -10.03
CA PRO B 394 20.45 18.59 -10.85
C PRO B 394 19.74 17.41 -10.17
N ASP B 395 20.11 17.09 -8.94
CA ASP B 395 19.49 15.97 -8.25
C ASP B 395 18.15 16.28 -7.56
N GLU B 396 17.75 17.54 -7.56
CA GLU B 396 16.49 17.93 -6.90
C GLU B 396 15.21 17.41 -7.54
N SER B 397 14.22 17.14 -6.70
CA SER B 397 12.93 16.63 -7.15
C SER B 397 12.10 17.60 -7.98
N ILE B 398 12.46 18.89 -7.96
CA ILE B 398 11.71 19.87 -8.73
C ILE B 398 11.75 19.56 -10.23
N HIS B 399 12.78 18.84 -10.66
CA HIS B 399 12.93 18.50 -12.07
C HIS B 399 11.91 17.46 -12.55
N ASN B 400 11.12 16.91 -11.64
CA ASN B 400 10.09 15.94 -12.03
C ASN B 400 8.91 16.67 -12.66
N MET B 401 8.82 17.98 -12.39
CA MET B 401 7.74 18.79 -12.95
C MET B 401 7.99 19.09 -14.43
N SER B 402 6.93 19.05 -15.23
CA SER B 402 7.08 19.33 -16.65
C SER B 402 7.42 20.80 -16.87
N LYS B 403 6.93 21.67 -15.98
CA LYS B 403 7.22 23.10 -16.08
C LYS B 403 8.62 23.31 -15.51
N LYS B 404 9.45 24.09 -16.21
CA LYS B 404 10.82 24.32 -15.77
C LYS B 404 11.02 25.72 -15.22
N PHE B 405 11.98 25.87 -14.32
CA PHE B 405 12.24 27.15 -13.67
C PHE B 405 13.70 27.58 -13.56
N ASN B 406 13.91 28.86 -13.30
CA ASN B 406 15.25 29.40 -13.11
C ASN B 406 15.27 29.95 -11.68
N PRO B 407 16.46 30.20 -11.12
CA PRO B 407 16.55 30.72 -9.76
C PRO B 407 15.68 31.94 -9.42
N SER B 408 15.63 32.94 -10.30
CA SER B 408 14.85 34.13 -10.03
C SER B 408 13.36 33.80 -9.88
N GLN B 409 12.88 32.78 -10.59
CA GLN B 409 11.48 32.40 -10.48
C GLN B 409 11.20 31.77 -9.13
N ILE B 410 12.17 31.03 -8.60
CA ILE B 410 12.00 30.41 -7.30
C ILE B 410 11.98 31.53 -6.25
N ALA B 411 12.95 32.43 -6.34
CA ALA B 411 13.04 33.55 -5.41
C ALA B 411 11.76 34.40 -5.44
N ASP B 412 11.25 34.66 -6.64
CA ASP B 412 10.04 35.48 -6.78
C ASP B 412 8.84 34.80 -6.14
N ALA B 413 8.72 33.49 -6.33
CA ALA B 413 7.60 32.73 -5.79
C ALA B 413 7.63 32.69 -4.26
N ILE B 414 8.83 32.63 -3.68
CA ILE B 414 8.96 32.60 -2.23
C ILE B 414 8.41 33.92 -1.66
N LYS B 415 8.73 35.04 -2.31
CA LYS B 415 8.24 36.32 -1.86
C LYS B 415 6.75 36.49 -2.16
N ALA B 416 6.31 35.91 -3.28
CA ALA B 416 4.90 36.00 -3.65
C ALA B 416 4.04 35.32 -2.57
N VAL B 417 4.47 34.15 -2.11
CA VAL B 417 3.73 33.46 -1.07
C VAL B 417 3.55 34.40 0.12
N ASP B 418 4.63 35.04 0.53
CA ASP B 418 4.59 35.96 1.65
C ASP B 418 3.55 37.06 1.48
N SER B 419 3.53 37.69 0.30
CA SER B 419 2.56 38.75 0.03
C SER B 419 1.13 38.22 -0.03
N TYR B 420 0.95 37.06 -0.67
CA TYR B 420 -0.38 36.46 -0.79
C TYR B 420 -0.94 36.14 0.60
N SER B 421 -0.12 35.51 1.43
CA SER B 421 -0.54 35.14 2.79
C SER B 421 -0.84 36.39 3.62
N GLN B 422 0.00 37.41 3.51
CA GLN B 422 -0.26 38.64 4.25
C GLN B 422 -1.57 39.28 3.82
N LYS B 423 -1.91 39.19 2.54
CA LYS B 423 -3.15 39.77 2.06
C LYS B 423 -4.33 38.98 2.63
N TRP B 424 -4.21 37.66 2.62
CA TRP B 424 -5.27 36.80 3.14
C TRP B 424 -5.51 37.10 4.63
N GLN B 425 -4.42 37.26 5.39
CA GLN B 425 -4.54 37.56 6.82
C GLN B 425 -5.32 38.84 7.03
N GLU B 426 -5.01 39.85 6.22
CA GLU B 426 -5.66 41.15 6.28
C GLU B 426 -7.14 41.08 5.90
N GLN B 427 -7.42 40.46 4.76
CA GLN B 427 -8.79 40.34 4.28
C GLN B 427 -9.70 39.63 5.28
N THR B 428 -9.20 38.55 5.85
CA THR B 428 -9.98 37.75 6.80
C THR B 428 -9.86 38.21 8.25
N GLY B 429 -8.91 39.08 8.54
CA GLY B 429 -8.74 39.54 9.91
C GLY B 429 -8.17 38.44 10.80
N TRP B 430 -7.50 37.47 10.19
CA TRP B 430 -6.89 36.35 10.91
C TRP B 430 -5.76 36.87 11.79
N THR B 431 -5.88 36.65 13.10
CA THR B 431 -4.88 37.13 14.05
C THR B 431 -3.90 36.09 14.56
N GLU B 432 -4.21 34.80 14.41
CA GLU B 432 -3.33 33.75 14.87
C GLU B 432 -2.02 33.76 14.08
N ARG B 433 -0.91 33.52 14.77
CA ARG B 433 0.41 33.51 14.12
C ARG B 433 1.33 32.44 14.72
N PHE B 434 2.13 31.83 13.86
CA PHE B 434 3.10 30.83 14.31
C PHE B 434 4.29 31.63 14.79
N ARG B 435 4.78 31.31 15.98
CA ARG B 435 5.94 32.00 16.54
C ARG B 435 7.03 30.95 16.74
N LEU B 436 8.15 31.13 16.05
CA LEU B 436 9.26 30.18 16.10
C LEU B 436 9.88 29.96 17.48
N PRO B 437 9.82 28.72 17.99
CA PRO B 437 10.39 28.38 19.30
C PRO B 437 11.92 28.42 19.30
N PRO B 438 12.55 28.30 20.48
CA PRO B 438 14.01 28.33 20.65
C PRO B 438 14.78 27.30 19.82
N SER B 439 14.23 26.10 19.68
CA SER B 439 14.89 25.06 18.90
C SER B 439 13.88 24.23 18.12
N ARG B 440 14.37 23.43 17.19
CA ARG B 440 13.48 22.60 16.38
C ARG B 440 12.84 21.46 17.17
N HIS B 441 13.28 21.27 18.41
CA HIS B 441 12.73 20.20 19.24
C HIS B 441 11.90 20.76 20.38
N SER B 442 11.77 22.07 20.44
CA SER B 442 11.00 22.72 21.50
C SER B 442 9.50 22.73 21.19
N PRO B 443 8.68 22.72 22.25
CA PRO B 443 7.22 22.76 22.07
C PRO B 443 6.88 24.20 21.70
N HIS B 444 5.60 24.47 21.45
CA HIS B 444 5.19 25.82 21.12
C HIS B 444 5.52 26.73 22.30
N LEU B 445 5.73 28.01 22.02
CA LEU B 445 6.04 28.98 23.06
C LEU B 445 4.81 29.21 23.94
N THR B 446 3.64 29.02 23.35
CA THR B 446 2.38 29.19 24.06
C THR B 446 1.43 28.03 23.76
N ASP B 447 0.45 27.85 24.63
CA ASP B 447 -0.54 26.79 24.48
C ASP B 447 -1.56 27.20 23.40
N ILE B 448 -1.65 26.43 22.32
CA ILE B 448 -2.59 26.78 21.25
C ILE B 448 -4.03 26.34 21.54
N HIS B 449 -4.24 25.68 22.67
CA HIS B 449 -5.59 25.22 23.02
C HIS B 449 -6.48 26.45 23.21
N PRO B 450 -7.70 26.40 22.64
CA PRO B 450 -8.64 27.53 22.76
C PRO B 450 -8.83 27.98 24.21
#